data_8FB7
#
_entry.id   8FB7
#
_cell.length_a   200.432
_cell.length_b   67.945
_cell.length_c   83.233
_cell.angle_alpha   90.000
_cell.angle_beta   105.180
_cell.angle_gamma   90.000
#
_symmetry.space_group_name_H-M   'C 1 2 1'
#
loop_
_entity.id
_entity.type
_entity.pdbx_description
1 polymer 'Ky15.10 Antibody, Heavy Chain'
2 polymer 'Ky15.10 Antibody, Light chain'
3 polymer 'Circumsporozoite protein NPDP peptide'
4 non-polymer 1,2-ETHANEDIOL
5 water water
#
loop_
_entity_poly.entity_id
_entity_poly.type
_entity_poly.pdbx_seq_one_letter_code
_entity_poly.pdbx_strand_id
1 'polypeptide(L)'
;QVQLVESGGGVVQPGRSLRLSCAASGFTFSNSGMHWVRQVPGKGLEWVAIIWYDGSNKYYADSVKGRFSVSRDNSENTLY
LQMSNLRAEDTAVYYCVRAYFDSENLYDYYGMDVWGQGTTVTVSSASTKGPSVFPLAPSSKSTSGGTAALGCLVKDYFPE
PVTVSWNSGALTSGVHTFPAVLQSSGLYSLSSVVTVPSSSLGTQTYICNVNHKPSNTKVDKKVEPKSC
;
A,H
2 'polypeptide(L)'
;DIQMTQSPSTLSASVGDRVTITCRASQSISRWLAWFQKKPGKAPKLLIYTASNLESGVPSRFSGSGSGTEFTLTISSLQP
DDFATYYCQQYYNYWTFGQGTKVEVKRTVAAPSVFIFPPSDEQLKSGTASVVCLLNNFYPREAKVQWKVDNALQSGNSQE
SVTEQDSKDSTYSLSSTLTLSKADYEKHKVYACEVTHQGLSSPVTKSFNRGEC
;
B,L
3 'polypeptide(L)' NPDPNANPNVDPNANP P,Q
#
# COMPACT_ATOMS: atom_id res chain seq x y z
N GLN A 1 -22.77 -12.79 -1.84
CA GLN A 1 -21.72 -13.35 -2.67
C GLN A 1 -20.61 -12.30 -2.90
N VAL A 2 -19.34 -12.62 -2.61
CA VAL A 2 -18.28 -11.65 -2.85
C VAL A 2 -18.17 -11.42 -4.34
N GLN A 3 -18.23 -10.16 -4.75
CA GLN A 3 -18.26 -9.85 -6.17
C GLN A 3 -17.30 -8.71 -6.42
N LEU A 4 -16.52 -8.82 -7.49
CA LEU A 4 -15.54 -7.82 -7.88
C LEU A 4 -15.70 -7.62 -9.37
N VAL A 5 -15.94 -6.39 -9.81
CA VAL A 5 -16.25 -6.11 -11.22
C VAL A 5 -15.30 -5.01 -11.69
N GLU A 6 -14.36 -5.38 -12.57
CA GLU A 6 -13.39 -4.44 -13.12
C GLU A 6 -13.97 -3.69 -14.29
N SER A 7 -13.50 -2.47 -14.48
CA SER A 7 -13.89 -1.72 -15.64
C SER A 7 -12.76 -0.78 -16.04
N GLY A 8 -12.89 -0.21 -17.23
CA GLY A 8 -11.94 0.78 -17.66
C GLY A 8 -10.99 0.30 -18.76
N GLY A 9 -10.96 -0.99 -19.05
CA GLY A 9 -10.05 -1.49 -20.07
C GLY A 9 -10.47 -1.09 -21.48
N GLY A 10 -9.49 -1.07 -22.37
CA GLY A 10 -9.73 -0.70 -23.75
C GLY A 10 -8.38 -0.49 -24.44
N VAL A 11 -8.42 0.14 -25.62
CA VAL A 11 -7.19 0.42 -26.35
C VAL A 11 -6.56 1.71 -25.84
N VAL A 12 -5.25 1.69 -25.65
CA VAL A 12 -4.49 2.89 -25.23
C VAL A 12 -3.18 2.92 -26.00
N GLN A 13 -2.77 4.12 -26.43
CA GLN A 13 -1.56 4.19 -27.23
C GLN A 13 -0.32 4.09 -26.34
N PRO A 14 0.80 3.62 -26.89
CA PRO A 14 2.01 3.50 -26.07
C PRO A 14 2.41 4.85 -25.52
N GLY A 15 2.89 4.85 -24.28
CA GLY A 15 3.30 6.03 -23.57
C GLY A 15 2.19 6.72 -22.83
N ARG A 16 0.94 6.38 -23.13
CA ARG A 16 -0.19 7.06 -22.54
C ARG A 16 -0.56 6.43 -21.20
N SER A 17 -1.63 6.94 -20.61
CA SER A 17 -2.12 6.57 -19.28
C SER A 17 -3.54 6.00 -19.38
N LEU A 18 -3.92 5.19 -18.38
CA LEU A 18 -5.25 4.61 -18.36
C LEU A 18 -5.55 4.28 -16.90
N ARG A 19 -6.78 4.55 -16.43
CA ARG A 19 -7.16 4.20 -15.04
C ARG A 19 -8.17 3.07 -15.07
N LEU A 20 -7.85 1.97 -14.38
CA LEU A 20 -8.81 0.88 -14.16
C LEU A 20 -9.51 1.05 -12.82
N SER A 21 -10.73 0.53 -12.74
CA SER A 21 -11.54 0.55 -11.53
CA SER A 21 -11.45 0.52 -11.48
C SER A 21 -12.03 -0.85 -11.21
N CYS A 22 -12.38 -1.08 -9.95
CA CYS A 22 -12.99 -2.33 -9.52
C CYS A 22 -14.07 -2.01 -8.52
N ALA A 23 -15.31 -2.42 -8.82
CA ALA A 23 -16.44 -2.18 -7.93
C ALA A 23 -16.66 -3.42 -7.08
N ALA A 24 -16.55 -3.26 -5.77
CA ALA A 24 -16.63 -4.36 -4.81
C ALA A 24 -18.01 -4.42 -4.19
N SER A 25 -18.55 -5.64 -4.03
CA SER A 25 -19.79 -5.77 -3.29
C SER A 25 -19.81 -7.12 -2.59
N GLY A 26 -20.72 -7.26 -1.62
CA GLY A 26 -20.98 -8.51 -0.94
C GLY A 26 -20.03 -8.82 0.19
N PHE A 27 -19.20 -7.85 0.60
CA PHE A 27 -18.36 -7.91 1.78
C PHE A 27 -18.06 -6.48 2.21
N THR A 28 -17.44 -6.36 3.38
CA THR A 28 -17.06 -5.03 3.90
C THR A 28 -15.74 -4.61 3.26
N PHE A 29 -15.87 -3.86 2.16
CA PHE A 29 -14.71 -3.52 1.34
C PHE A 29 -13.63 -2.85 2.17
N SER A 30 -14.03 -1.95 3.07
CA SER A 30 -13.06 -1.17 3.83
C SER A 30 -12.29 -1.99 4.85
N ASN A 31 -12.66 -3.24 5.08
CA ASN A 31 -11.83 -4.09 5.94
C ASN A 31 -10.82 -4.96 5.21
N SER A 32 -10.76 -4.95 3.86
CA SER A 32 -9.96 -5.89 3.10
C SER A 32 -8.81 -5.22 2.36
N GLY A 33 -7.62 -5.77 2.51
CA GLY A 33 -6.59 -5.53 1.52
C GLY A 33 -7.04 -5.98 0.13
N MET A 34 -6.41 -5.41 -0.88
CA MET A 34 -6.80 -5.69 -2.27
C MET A 34 -5.56 -5.74 -3.15
N HIS A 35 -5.64 -6.54 -4.23
CA HIS A 35 -4.54 -6.75 -5.18
C HIS A 35 -5.01 -6.47 -6.61
N TRP A 36 -4.04 -6.18 -7.47
CA TRP A 36 -4.21 -6.28 -8.93
C TRP A 36 -3.26 -7.36 -9.41
N VAL A 37 -3.72 -8.22 -10.31
CA VAL A 37 -2.91 -9.28 -10.90
C VAL A 37 -3.19 -9.24 -12.41
N ARG A 38 -2.18 -9.47 -13.26
CA ARG A 38 -2.48 -9.46 -14.69
C ARG A 38 -2.02 -10.72 -15.39
N GLN A 39 -2.51 -10.92 -16.63
CA GLN A 39 -2.00 -12.03 -17.43
C GLN A 39 -1.79 -11.49 -18.84
N VAL A 40 -0.52 -11.28 -19.19
CA VAL A 40 -0.13 -10.82 -20.54
C VAL A 40 -0.29 -11.96 -21.53
N PRO A 41 -0.81 -11.73 -22.74
CA PRO A 41 -0.95 -12.85 -23.68
C PRO A 41 0.38 -13.59 -23.85
N GLY A 42 0.34 -14.91 -23.67
CA GLY A 42 1.54 -15.71 -23.83
C GLY A 42 2.50 -15.72 -22.65
N LYS A 43 2.09 -15.20 -21.49
CA LYS A 43 2.91 -15.22 -20.29
C LYS A 43 2.08 -15.78 -19.12
N GLY A 44 2.73 -15.93 -17.97
CA GLY A 44 2.03 -16.40 -16.79
C GLY A 44 1.26 -15.32 -16.06
N LEU A 45 0.60 -15.73 -14.97
CA LEU A 45 -0.06 -14.77 -14.11
C LEU A 45 1.02 -13.98 -13.39
N GLU A 46 0.85 -12.66 -13.31
CA GLU A 46 1.86 -11.77 -12.75
C GLU A 46 1.19 -10.83 -11.74
N TRP A 47 1.56 -10.94 -10.45
CA TRP A 47 1.08 -9.99 -9.45
C TRP A 47 1.59 -8.58 -9.79
N VAL A 48 0.70 -7.58 -9.65
CA VAL A 48 0.99 -6.18 -10.02
C VAL A 48 1.13 -5.27 -8.78
N ALA A 49 0.15 -5.30 -7.86
CA ALA A 49 0.17 -4.36 -6.72
C ALA A 49 -0.74 -4.88 -5.61
N ILE A 50 -0.46 -4.41 -4.39
CA ILE A 50 -1.34 -4.62 -3.24
C ILE A 50 -1.56 -3.26 -2.58
N ILE A 51 -2.72 -3.08 -1.96
CA ILE A 51 -2.97 -1.94 -1.12
C ILE A 51 -3.67 -2.40 0.16
N TRP A 52 -3.24 -1.84 1.27
CA TRP A 52 -3.83 -2.12 2.58
C TRP A 52 -5.30 -1.69 2.63
N TYR A 53 -6.04 -2.30 3.57
CA TYR A 53 -7.45 -1.98 3.78
C TYR A 53 -7.69 -0.48 3.96
N ASP A 54 -6.80 0.21 4.66
CA ASP A 54 -6.98 1.63 4.96
C ASP A 54 -6.18 2.55 4.04
N GLY A 55 -5.59 2.02 2.99
CA GLY A 55 -4.77 2.81 2.06
C GLY A 55 -3.41 3.25 2.57
N SER A 56 -2.98 2.78 3.75
CA SER A 56 -1.78 3.33 4.39
C SER A 56 -0.47 2.74 3.85
N ASN A 57 -0.52 1.56 3.24
CA ASN A 57 0.63 0.82 2.72
C ASN A 57 0.29 0.27 1.35
N LYS A 58 1.30 0.18 0.48
CA LYS A 58 1.07 -0.35 -0.85
C LYS A 58 2.42 -0.78 -1.40
N TYR A 59 2.42 -1.84 -2.22
CA TYR A 59 3.65 -2.38 -2.81
C TYR A 59 3.37 -2.73 -4.26
N TYR A 60 4.45 -2.75 -5.07
CA TYR A 60 4.33 -2.98 -6.51
C TYR A 60 5.35 -3.99 -6.98
N ALA A 61 5.03 -4.67 -8.09
CA ALA A 61 6.03 -5.45 -8.82
C ALA A 61 7.08 -4.53 -9.43
N ASP A 62 8.35 -5.00 -9.44
CA ASP A 62 9.42 -4.25 -10.09
C ASP A 62 9.04 -3.82 -11.50
N SER A 63 8.26 -4.64 -12.20
CA SER A 63 8.00 -4.34 -13.62
C SER A 63 7.06 -3.16 -13.84
N VAL A 64 6.36 -2.68 -12.81
CA VAL A 64 5.49 -1.53 -12.95
C VAL A 64 5.85 -0.40 -12.00
N LYS A 65 6.82 -0.60 -11.10
CA LYS A 65 7.16 0.42 -10.13
C LYS A 65 7.50 1.73 -10.81
N GLY A 66 6.98 2.83 -10.26
CA GLY A 66 7.29 4.11 -10.85
C GLY A 66 6.38 4.48 -11.99
N ARG A 67 5.58 3.54 -12.50
CA ARG A 67 4.63 3.85 -13.57
C ARG A 67 3.19 3.65 -13.16
N PHE A 68 2.90 2.66 -12.31
CA PHE A 68 1.56 2.32 -11.88
C PHE A 68 1.36 2.83 -10.45
N SER A 69 0.13 3.24 -10.13
CA SER A 69 -0.21 3.56 -8.73
C SER A 69 -1.54 2.95 -8.37
N VAL A 70 -1.61 2.36 -7.19
CA VAL A 70 -2.85 1.79 -6.68
C VAL A 70 -3.43 2.69 -5.61
N SER A 71 -4.75 2.84 -5.63
CA SER A 71 -5.45 3.62 -4.62
C SER A 71 -6.83 3.02 -4.47
N ARG A 72 -7.57 3.55 -3.50
CA ARG A 72 -8.89 3.06 -3.23
C ARG A 72 -9.76 4.21 -2.71
N ASP A 73 -11.07 4.02 -2.82
CA ASP A 73 -12.00 4.94 -2.18
C ASP A 73 -12.99 4.10 -1.38
N ASN A 74 -12.76 3.97 -0.08
CA ASN A 74 -13.60 3.06 0.68
C ASN A 74 -15.05 3.52 0.75
N SER A 75 -15.30 4.84 0.69
CA SER A 75 -16.67 5.31 0.75
C SER A 75 -17.45 4.97 -0.52
N GLU A 76 -16.77 4.60 -1.60
CA GLU A 76 -17.45 4.21 -2.83
C GLU A 76 -17.20 2.76 -3.17
N ASN A 77 -16.64 1.98 -2.26
CA ASN A 77 -16.38 0.56 -2.51
C ASN A 77 -15.64 0.31 -3.83
N THR A 78 -14.62 1.13 -4.12
CA THR A 78 -13.92 1.07 -5.40
C THR A 78 -12.41 0.99 -5.19
N LEU A 79 -11.77 0.11 -5.98
CA LEU A 79 -10.32 0.02 -6.08
C LEU A 79 -9.89 0.61 -7.42
N TYR A 80 -8.71 1.28 -7.47
CA TYR A 80 -8.21 1.89 -8.70
C TYR A 80 -6.81 1.40 -9.01
N LEU A 81 -6.46 1.41 -10.30
CA LEU A 81 -5.09 1.18 -10.74
C LEU A 81 -4.84 2.26 -11.78
N GLN A 82 -3.99 3.21 -11.44
CA GLN A 82 -3.64 4.24 -12.41
C GLN A 82 -2.36 3.80 -13.14
N MET A 83 -2.46 3.59 -14.45
CA MET A 83 -1.30 3.17 -15.24
C MET A 83 -0.77 4.36 -16.03
N SER A 84 0.55 4.46 -16.20
CA SER A 84 1.11 5.52 -17.01
C SER A 84 2.31 4.97 -17.76
N ASN A 85 2.76 5.71 -18.77
CA ASN A 85 3.87 5.30 -19.63
C ASN A 85 3.69 3.84 -20.07
N LEU A 86 2.49 3.54 -20.61
CA LEU A 86 2.18 2.17 -20.94
C LEU A 86 3.01 1.71 -22.15
N ARG A 87 3.35 0.42 -22.17
CA ARG A 87 4.09 -0.15 -23.28
C ARG A 87 3.46 -1.49 -23.67
N ALA A 88 3.89 -2.05 -24.81
CA ALA A 88 3.20 -3.26 -25.29
C ALA A 88 3.24 -4.40 -24.27
N GLU A 89 4.32 -4.51 -23.48
CA GLU A 89 4.40 -5.54 -22.47
C GLU A 89 3.35 -5.39 -21.37
N ASP A 90 2.60 -4.29 -21.37
CA ASP A 90 1.52 -4.15 -20.40
C ASP A 90 0.15 -4.60 -20.94
N THR A 91 0.08 -4.99 -22.20
CA THR A 91 -1.16 -5.52 -22.74
C THR A 91 -1.51 -6.79 -21.97
N ALA A 92 -2.72 -6.86 -21.40
CA ALA A 92 -3.05 -7.96 -20.50
C ALA A 92 -4.52 -7.92 -20.12
N VAL A 93 -5.01 -9.05 -19.57
CA VAL A 93 -6.20 -8.99 -18.73
C VAL A 93 -5.76 -8.60 -17.33
N TYR A 94 -6.41 -7.59 -16.75
CA TYR A 94 -6.10 -7.15 -15.39
C TYR A 94 -7.24 -7.60 -14.49
N TYR A 95 -6.88 -8.28 -13.38
CA TYR A 95 -7.85 -8.80 -12.42
C TYR A 95 -7.75 -8.06 -11.10
N CYS A 96 -8.91 -7.69 -10.55
CA CYS A 96 -9.06 -7.25 -9.15
C CYS A 96 -9.13 -8.53 -8.30
N VAL A 97 -8.33 -8.60 -7.21
CA VAL A 97 -8.28 -9.80 -6.37
C VAL A 97 -8.27 -9.36 -4.92
N ARG A 98 -9.16 -9.95 -4.12
CA ARG A 98 -9.23 -9.62 -2.69
C ARG A 98 -8.11 -10.33 -1.95
N ALA A 99 -7.40 -9.60 -1.07
CA ALA A 99 -6.49 -10.30 -0.17
C ALA A 99 -7.25 -11.34 0.68
N TYR A 100 -6.59 -12.45 1.00
CA TYR A 100 -7.25 -13.49 1.79
C TYR A 100 -7.86 -12.93 3.07
N PHE A 101 -9.14 -13.20 3.27
CA PHE A 101 -9.81 -12.62 4.43
C PHE A 101 -9.85 -13.62 5.58
N ASP A 102 -9.47 -13.16 6.77
CA ASP A 102 -9.46 -14.06 7.92
C ASP A 102 -9.84 -13.23 9.15
N SER A 103 -11.09 -13.39 9.63
CA SER A 103 -11.54 -12.54 10.73
C SER A 103 -10.79 -12.81 12.02
N GLU A 104 -10.13 -13.97 12.12
CA GLU A 104 -9.39 -14.37 13.30
C GLU A 104 -7.88 -14.23 13.15
N ASN A 105 -7.39 -13.86 11.96
CA ASN A 105 -5.98 -13.53 11.75
C ASN A 105 -5.09 -14.66 12.27
N LEU A 106 -5.34 -15.88 11.78
CA LEU A 106 -4.66 -17.06 12.34
C LEU A 106 -3.20 -17.16 11.91
N TYR A 107 -2.87 -16.69 10.71
CA TYR A 107 -1.58 -16.87 10.07
C TYR A 107 -0.88 -15.54 9.90
N ASP A 108 0.45 -15.59 9.76
CA ASP A 108 1.26 -14.38 9.69
C ASP A 108 1.48 -13.89 8.27
N TYR A 109 1.23 -14.70 7.26
CA TYR A 109 1.50 -14.35 5.86
C TYR A 109 0.21 -14.53 5.09
N TYR A 110 -0.04 -13.64 4.14
CA TYR A 110 -1.34 -13.52 3.48
C TYR A 110 -1.19 -13.69 1.98
N GLY A 111 -2.09 -14.49 1.40
CA GLY A 111 -2.29 -14.60 -0.04
C GLY A 111 -3.54 -13.87 -0.53
N MET A 112 -4.29 -14.50 -1.44
CA MET A 112 -5.44 -13.91 -2.12
C MET A 112 -6.54 -14.92 -2.20
N ASP A 113 -7.82 -14.48 -2.19
CA ASP A 113 -8.89 -15.47 -2.28
C ASP A 113 -9.76 -15.23 -3.52
N VAL A 114 -10.61 -14.20 -3.54
CA VAL A 114 -11.62 -14.08 -4.60
C VAL A 114 -11.13 -13.17 -5.71
N TRP A 115 -11.28 -13.63 -6.96
CA TRP A 115 -10.91 -12.84 -8.14
C TRP A 115 -12.13 -12.29 -8.88
N GLY A 116 -11.98 -11.09 -9.48
CA GLY A 116 -12.93 -10.67 -10.50
C GLY A 116 -12.70 -11.37 -11.84
N GLN A 117 -13.59 -11.08 -12.82
CA GLN A 117 -13.48 -11.71 -14.13
C GLN A 117 -12.46 -11.04 -15.06
N GLY A 118 -12.00 -9.84 -14.74
CA GLY A 118 -10.94 -9.24 -15.52
C GLY A 118 -11.45 -8.14 -16.46
N THR A 119 -10.58 -7.21 -16.75
CA THR A 119 -10.80 -6.23 -17.82
C THR A 119 -9.57 -6.24 -18.72
N THR A 120 -9.76 -6.07 -20.03
CA THR A 120 -8.66 -6.24 -20.96
C THR A 120 -8.11 -4.88 -21.38
N VAL A 121 -6.79 -4.73 -21.33
CA VAL A 121 -6.12 -3.50 -21.72
C VAL A 121 -5.24 -3.84 -22.93
N THR A 122 -5.37 -3.09 -24.01
CA THR A 122 -4.58 -3.35 -25.21
C THR A 122 -3.77 -2.09 -25.50
N VAL A 123 -2.45 -2.20 -25.45
CA VAL A 123 -1.57 -1.05 -25.64
C VAL A 123 -1.02 -1.13 -27.04
N SER A 124 -1.45 -0.20 -27.91
CA SER A 124 -1.18 -0.32 -29.35
C SER A 124 -1.32 1.04 -30.03
N SER A 125 -0.54 1.26 -31.08
CA SER A 125 -0.71 2.47 -31.89
C SER A 125 -1.61 2.23 -33.10
N ALA A 126 -2.10 1.01 -33.27
CA ALA A 126 -2.87 0.67 -34.45
C ALA A 126 -4.17 1.45 -34.49
N SER A 127 -4.61 1.79 -35.71
CA SER A 127 -5.91 2.42 -35.91
C SER A 127 -7.00 1.37 -36.10
N THR A 128 -8.22 1.73 -35.72
CA THR A 128 -9.37 0.85 -35.90
C THR A 128 -9.53 0.51 -37.37
N LYS A 129 -9.71 -0.78 -37.66
CA LYS A 129 -9.76 -1.20 -39.07
C LYS A 129 -10.53 -2.51 -39.17
N GLY A 130 -11.47 -2.61 -40.13
CA GLY A 130 -12.14 -3.86 -40.35
C GLY A 130 -11.29 -4.80 -41.19
N PRO A 131 -11.60 -6.09 -41.12
CA PRO A 131 -10.78 -7.09 -41.80
C PRO A 131 -11.03 -7.16 -43.31
N SER A 132 -10.01 -7.65 -44.01
CA SER A 132 -10.19 -8.20 -45.35
C SER A 132 -10.48 -9.67 -45.23
N VAL A 133 -11.36 -10.20 -46.08
CA VAL A 133 -11.80 -11.58 -45.90
C VAL A 133 -11.49 -12.31 -47.21
N PHE A 134 -10.68 -13.37 -47.11
CA PHE A 134 -10.28 -14.10 -48.31
C PHE A 134 -10.73 -15.56 -48.26
N PRO A 135 -11.14 -16.15 -49.38
CA PRO A 135 -11.58 -17.55 -49.34
C PRO A 135 -10.39 -18.50 -49.19
N LEU A 136 -10.65 -19.61 -48.48
CA LEU A 136 -9.80 -20.81 -48.46
C LEU A 136 -10.61 -21.89 -49.19
N ALA A 137 -10.43 -21.98 -50.51
CA ALA A 137 -11.35 -22.76 -51.32
C ALA A 137 -11.08 -24.26 -51.14
N PRO A 138 -12.11 -25.09 -51.17
CA PRO A 138 -11.86 -26.54 -51.17
C PRO A 138 -11.38 -26.99 -52.53
N SER A 139 -10.53 -28.02 -52.54
CA SER A 139 -10.12 -28.66 -53.78
C SER A 139 -10.09 -30.17 -53.57
N SER A 140 -9.54 -30.90 -54.55
CA SER A 140 -9.20 -32.30 -54.32
C SER A 140 -8.15 -32.43 -53.21
N LYS A 141 -7.36 -31.36 -53.00
CA LYS A 141 -6.37 -31.32 -51.93
C LYS A 141 -7.03 -31.25 -50.56
N SER A 142 -8.16 -30.55 -50.46
CA SER A 142 -8.87 -30.37 -49.20
C SER A 142 -9.84 -31.50 -48.91
N THR A 143 -9.79 -32.60 -49.65
CA THR A 143 -10.81 -33.66 -49.60
C THR A 143 -10.20 -34.93 -49.01
N SER A 144 -10.76 -35.38 -47.89
CA SER A 144 -10.27 -36.52 -47.13
C SER A 144 -11.45 -37.42 -46.76
N GLY A 145 -11.57 -38.56 -47.46
CA GLY A 145 -12.56 -39.57 -47.10
C GLY A 145 -13.99 -39.06 -47.11
N GLY A 146 -14.46 -38.60 -48.27
CA GLY A 146 -15.79 -38.06 -48.34
C GLY A 146 -15.99 -36.70 -47.69
N THR A 147 -14.92 -36.09 -47.15
CA THR A 147 -14.98 -34.81 -46.42
C THR A 147 -14.08 -33.78 -47.09
N ALA A 148 -14.57 -32.56 -47.23
CA ALA A 148 -13.78 -31.46 -47.74
C ALA A 148 -13.64 -30.39 -46.69
N ALA A 149 -12.48 -29.73 -46.67
CA ALA A 149 -12.25 -28.60 -45.78
C ALA A 149 -12.25 -27.32 -46.60
N LEU A 150 -12.91 -26.29 -46.08
CA LEU A 150 -12.84 -24.97 -46.68
C LEU A 150 -12.84 -23.93 -45.57
N GLY A 151 -12.71 -22.66 -45.92
CA GLY A 151 -12.60 -21.68 -44.87
C GLY A 151 -12.53 -20.26 -45.39
N CYS A 152 -12.31 -19.35 -44.45
CA CYS A 152 -12.11 -17.93 -44.71
CA CYS A 152 -12.02 -17.97 -44.80
C CYS A 152 -10.92 -17.43 -43.90
N LEU A 153 -10.02 -16.70 -44.53
CA LEU A 153 -8.94 -16.04 -43.83
C LEU A 153 -9.39 -14.62 -43.54
N VAL A 154 -9.35 -14.23 -42.27
CA VAL A 154 -9.92 -12.95 -41.82
C VAL A 154 -8.72 -12.14 -41.37
N LYS A 155 -8.26 -11.20 -42.19
CA LYS A 155 -6.93 -10.65 -42.02
C LYS A 155 -6.92 -9.13 -41.79
N ASP A 156 -5.98 -8.67 -40.94
CA ASP A 156 -5.66 -7.25 -40.80
C ASP A 156 -6.82 -6.42 -40.22
N TYR A 157 -7.25 -6.78 -39.01
CA TYR A 157 -8.27 -5.98 -38.33
C TYR A 157 -7.77 -5.54 -36.95
N PHE A 158 -8.38 -4.47 -36.44
CA PHE A 158 -8.02 -3.97 -35.10
C PHE A 158 -9.17 -3.16 -34.54
N PRO A 159 -9.51 -3.30 -33.25
CA PRO A 159 -8.97 -4.22 -32.24
C PRO A 159 -9.77 -5.54 -32.29
N GLU A 160 -9.50 -6.48 -31.38
CA GLU A 160 -10.38 -7.62 -31.28
C GLU A 160 -11.72 -7.16 -30.73
N PRO A 161 -12.80 -7.94 -30.95
CA PRO A 161 -12.87 -9.20 -31.68
C PRO A 161 -13.58 -9.07 -33.01
N VAL A 162 -13.47 -10.10 -33.84
CA VAL A 162 -14.44 -10.34 -34.90
C VAL A 162 -15.35 -11.48 -34.46
N THR A 163 -16.52 -11.57 -35.08
CA THR A 163 -17.31 -12.78 -34.98
C THR A 163 -17.49 -13.34 -36.38
N VAL A 164 -17.42 -14.65 -36.51
CA VAL A 164 -17.55 -15.30 -37.83
C VAL A 164 -18.68 -16.30 -37.74
N SER A 165 -19.59 -16.26 -38.73
CA SER A 165 -20.62 -17.28 -38.87
C SER A 165 -20.54 -17.82 -40.31
N TRP A 166 -21.22 -18.93 -40.53
CA TRP A 166 -21.28 -19.57 -41.83
C TRP A 166 -22.73 -19.70 -42.24
N ASN A 167 -23.06 -19.29 -43.48
CA ASN A 167 -24.41 -19.35 -44.01
C ASN A 167 -25.40 -18.68 -43.06
N SER A 168 -24.97 -17.55 -42.51
CA SER A 168 -25.80 -16.73 -41.61
C SER A 168 -26.20 -17.52 -40.38
N GLY A 169 -25.33 -18.42 -39.91
CA GLY A 169 -25.62 -19.19 -38.72
C GLY A 169 -26.25 -20.55 -38.97
N ALA A 170 -26.63 -20.85 -40.20
CA ALA A 170 -27.21 -22.16 -40.49
C ALA A 170 -26.17 -23.27 -40.50
N LEU A 171 -24.89 -22.96 -40.61
CA LEU A 171 -23.84 -23.98 -40.66
C LEU A 171 -22.97 -23.79 -39.42
N THR A 172 -23.01 -24.76 -38.49
CA THR A 172 -22.19 -24.64 -37.29
C THR A 172 -21.38 -25.92 -37.02
N SER A 173 -21.87 -27.09 -37.44
CA SER A 173 -21.14 -28.32 -37.16
C SER A 173 -19.88 -28.39 -38.01
N GLY A 174 -18.78 -28.82 -37.41
CA GLY A 174 -17.52 -28.93 -38.11
C GLY A 174 -16.75 -27.63 -38.28
N VAL A 175 -17.22 -26.53 -37.70
CA VAL A 175 -16.56 -25.23 -37.79
C VAL A 175 -15.50 -25.08 -36.69
N HIS A 176 -14.31 -24.62 -37.06
CA HIS A 176 -13.30 -24.18 -36.10
C HIS A 176 -12.90 -22.77 -36.45
N THR A 177 -13.22 -21.82 -35.56
CA THR A 177 -12.79 -20.44 -35.75
C THR A 177 -11.61 -20.26 -34.79
N PHE A 178 -10.40 -20.14 -35.35
CA PHE A 178 -9.21 -20.17 -34.48
C PHE A 178 -9.06 -18.87 -33.67
N PRO A 179 -8.40 -18.94 -32.49
CA PRO A 179 -8.01 -17.70 -31.80
C PRO A 179 -7.19 -16.78 -32.69
N ALA A 180 -7.39 -15.46 -32.55
CA ALA A 180 -6.61 -14.59 -33.41
C ALA A 180 -5.15 -14.55 -33.00
N VAL A 181 -4.30 -14.22 -33.96
CA VAL A 181 -2.89 -13.97 -33.71
C VAL A 181 -2.63 -12.51 -33.96
N LEU A 182 -1.78 -11.90 -33.15
CA LEU A 182 -1.32 -10.52 -33.37
C LEU A 182 -0.15 -10.54 -34.34
N GLN A 183 -0.26 -9.83 -35.48
CA GLN A 183 0.80 -9.79 -36.48
C GLN A 183 1.80 -8.71 -36.12
N SER A 184 2.98 -8.77 -36.75
CA SER A 184 4.00 -7.76 -36.50
C SER A 184 3.54 -6.37 -36.91
N SER A 185 2.55 -6.27 -37.79
CA SER A 185 1.98 -4.98 -38.14
C SER A 185 1.15 -4.36 -37.00
N GLY A 186 0.82 -5.13 -35.98
CA GLY A 186 -0.08 -4.73 -34.90
C GLY A 186 -1.56 -4.98 -35.18
N LEU A 187 -1.90 -5.53 -36.34
CA LEU A 187 -3.25 -5.95 -36.67
C LEU A 187 -3.40 -7.43 -36.39
N TYR A 188 -4.65 -7.86 -36.14
CA TYR A 188 -4.94 -9.26 -35.85
C TYR A 188 -5.35 -10.00 -37.12
N SER A 189 -5.23 -11.32 -37.07
CA SER A 189 -5.65 -12.19 -38.16
CA SER A 189 -5.68 -12.19 -38.15
C SER A 189 -6.14 -13.52 -37.57
N LEU A 190 -7.12 -14.14 -38.23
CA LEU A 190 -7.53 -15.51 -37.87
C LEU A 190 -8.08 -16.18 -39.12
N SER A 191 -8.22 -17.49 -39.05
CA SER A 191 -8.96 -18.25 -40.06
C SER A 191 -10.12 -18.95 -39.40
N SER A 192 -11.19 -19.14 -40.15
CA SER A 192 -12.32 -19.99 -39.74
C SER A 192 -12.45 -21.06 -40.82
N VAL A 193 -12.43 -22.34 -40.41
CA VAL A 193 -12.48 -23.42 -41.37
C VAL A 193 -13.67 -24.28 -41.02
N VAL A 194 -14.15 -25.02 -42.01
CA VAL A 194 -15.27 -25.93 -41.77
C VAL A 194 -15.07 -27.14 -42.67
N THR A 195 -15.38 -28.31 -42.13
CA THR A 195 -15.35 -29.52 -42.94
C THR A 195 -16.79 -29.92 -43.28
N VAL A 196 -17.03 -30.26 -44.54
CA VAL A 196 -18.37 -30.53 -45.06
C VAL A 196 -18.31 -31.77 -45.92
N PRO A 197 -19.46 -32.41 -46.19
CA PRO A 197 -19.45 -33.57 -47.09
C PRO A 197 -19.00 -33.16 -48.49
N SER A 198 -18.02 -33.86 -49.03
CA SER A 198 -17.62 -33.54 -50.38
CA SER A 198 -17.61 -33.59 -50.40
C SER A 198 -18.78 -33.69 -51.37
N SER A 199 -19.77 -34.52 -51.05
CA SER A 199 -20.93 -34.72 -51.94
C SER A 199 -21.76 -33.45 -52.12
N SER A 200 -21.64 -32.49 -51.19
CA SER A 200 -22.46 -31.27 -51.14
C SER A 200 -21.90 -30.14 -51.98
N LEU A 201 -20.65 -30.26 -52.45
CA LEU A 201 -19.97 -29.04 -52.93
C LEU A 201 -20.60 -28.51 -54.20
N GLY A 202 -21.35 -29.32 -54.94
CA GLY A 202 -21.98 -28.83 -56.16
C GLY A 202 -23.37 -28.27 -55.97
N THR A 203 -24.00 -28.53 -54.83
CA THR A 203 -25.39 -28.16 -54.67
C THR A 203 -25.60 -27.24 -53.47
N GLN A 204 -24.62 -27.06 -52.59
CA GLN A 204 -24.74 -26.23 -51.41
C GLN A 204 -23.73 -25.10 -51.48
N THR A 205 -24.18 -23.86 -51.31
CA THR A 205 -23.30 -22.70 -51.24
CA THR A 205 -23.27 -22.73 -51.26
C THR A 205 -22.74 -22.54 -49.84
N TYR A 206 -21.49 -22.10 -49.75
CA TYR A 206 -20.87 -21.83 -48.46
C TYR A 206 -20.40 -20.39 -48.42
N ILE A 207 -20.93 -19.62 -47.47
CA ILE A 207 -20.63 -18.18 -47.33
C ILE A 207 -20.18 -17.91 -45.90
N CYS A 208 -19.07 -17.22 -45.72
CA CYS A 208 -18.66 -16.87 -44.36
C CYS A 208 -19.06 -15.42 -44.10
N ASN A 209 -19.62 -15.15 -42.93
CA ASN A 209 -20.13 -13.83 -42.56
C ASN A 209 -19.26 -13.29 -41.45
N VAL A 210 -18.68 -12.11 -41.64
CA VAL A 210 -17.64 -11.63 -40.72
C VAL A 210 -18.08 -10.28 -40.21
N ASN A 211 -18.19 -10.16 -38.88
CA ASN A 211 -18.70 -8.95 -38.25
C ASN A 211 -17.59 -8.37 -37.40
N HIS A 212 -17.30 -7.08 -37.58
CA HIS A 212 -16.31 -6.38 -36.77
C HIS A 212 -17.00 -5.12 -36.28
N LYS A 213 -17.52 -5.19 -35.05
CA LYS A 213 -18.26 -4.06 -34.48
C LYS A 213 -17.45 -2.80 -34.27
N PRO A 214 -16.20 -2.84 -33.81
CA PRO A 214 -15.45 -1.58 -33.63
C PRO A 214 -15.37 -0.73 -34.90
N SER A 215 -15.36 -1.35 -36.09
CA SER A 215 -15.33 -0.58 -37.34
C SER A 215 -16.68 -0.52 -38.05
N ASN A 216 -17.74 -1.05 -37.44
CA ASN A 216 -19.05 -1.13 -38.08
C ASN A 216 -18.99 -1.79 -39.46
N THR A 217 -18.24 -2.90 -39.60
CA THR A 217 -18.16 -3.57 -40.88
C THR A 217 -18.76 -4.98 -40.79
N LYS A 218 -19.46 -5.37 -41.85
CA LYS A 218 -19.97 -6.73 -41.99
C LYS A 218 -19.68 -7.16 -43.41
N VAL A 219 -19.02 -8.30 -43.55
CA VAL A 219 -18.52 -8.79 -44.83
C VAL A 219 -19.03 -10.21 -45.02
N ASP A 220 -19.56 -10.51 -46.20
CA ASP A 220 -19.88 -11.87 -46.62
C ASP A 220 -18.89 -12.25 -47.69
N LYS A 221 -18.35 -13.48 -47.62
CA LYS A 221 -17.47 -13.99 -48.69
C LYS A 221 -17.96 -15.37 -49.11
N LYS A 222 -18.37 -15.51 -50.37
CA LYS A 222 -18.73 -16.83 -50.84
C LYS A 222 -17.45 -17.60 -51.12
N VAL A 223 -17.41 -18.85 -50.70
CA VAL A 223 -16.21 -19.66 -50.88
C VAL A 223 -16.54 -20.72 -51.93
N GLU A 224 -15.92 -20.58 -53.13
CA GLU A 224 -16.27 -21.34 -54.34
C GLU A 224 -15.31 -22.50 -54.52
N PRO A 225 -15.81 -23.69 -54.84
CA PRO A 225 -14.94 -24.85 -54.97
C PRO A 225 -14.05 -24.72 -56.19
N LYS A 226 -12.92 -25.40 -56.12
CA LYS A 226 -11.97 -25.43 -57.22
C LYS A 226 -12.05 -26.77 -57.94
N SER A 227 -11.99 -26.73 -59.27
CA SER A 227 -12.02 -27.95 -60.06
C SER A 227 -10.73 -28.75 -59.91
N CYS A 228 -9.60 -28.08 -59.68
CA CYS A 228 -8.34 -28.74 -59.33
C CYS A 228 -8.42 -29.31 -57.91
N ASP B 1 13.54 -12.82 -4.81
CA ASP B 1 12.36 -13.28 -5.55
C ASP B 1 12.30 -14.81 -5.60
N ILE B 2 11.12 -15.39 -5.45
CA ILE B 2 10.95 -16.84 -5.45
C ILE B 2 10.24 -17.29 -6.73
N GLN B 3 10.82 -18.29 -7.39
CA GLN B 3 10.26 -18.83 -8.63
C GLN B 3 9.54 -20.15 -8.33
N MET B 4 8.33 -20.29 -8.87
CA MET B 4 7.55 -21.52 -8.74
C MET B 4 7.53 -22.26 -10.05
N THR B 5 7.70 -23.58 -10.00
CA THR B 5 7.78 -24.42 -11.19
C THR B 5 6.79 -25.57 -11.01
N GLN B 6 5.95 -25.80 -12.02
CA GLN B 6 4.97 -26.87 -11.94
C GLN B 6 5.32 -27.98 -12.91
N SER B 7 4.94 -29.20 -12.54
CA SER B 7 5.08 -30.24 -13.51
C SER B 7 3.98 -31.26 -13.26
N PRO B 8 3.50 -31.97 -14.29
CA PRO B 8 3.88 -31.78 -15.70
C PRO B 8 3.22 -30.51 -16.23
N SER B 9 3.53 -30.07 -17.45
CA SER B 9 2.81 -28.92 -17.99
C SER B 9 1.39 -29.30 -18.40
N THR B 10 1.20 -30.51 -18.88
CA THR B 10 -0.11 -31.05 -19.26
C THR B 10 -0.20 -32.47 -18.73
N LEU B 11 -1.36 -32.82 -18.21
CA LEU B 11 -1.65 -34.15 -17.69
C LEU B 11 -2.93 -34.64 -18.37
N SER B 12 -2.83 -35.75 -19.09
CA SER B 12 -3.97 -36.41 -19.71
CA SER B 12 -3.98 -36.39 -19.70
C SER B 12 -4.57 -37.41 -18.73
N ALA B 13 -5.87 -37.29 -18.45
CA ALA B 13 -6.50 -38.17 -17.47
C ALA B 13 -7.93 -38.49 -17.88
N SER B 14 -8.51 -39.49 -17.21
CA SER B 14 -9.88 -39.94 -17.42
C SER B 14 -10.68 -39.80 -16.13
N VAL B 15 -12.00 -39.65 -16.27
CA VAL B 15 -12.87 -39.63 -15.10
C VAL B 15 -12.59 -40.87 -14.26
N GLY B 16 -12.40 -40.66 -12.94
CA GLY B 16 -12.13 -41.74 -12.00
C GLY B 16 -10.65 -41.98 -11.70
N ASP B 17 -9.74 -41.37 -12.45
CA ASP B 17 -8.32 -41.52 -12.24
C ASP B 17 -7.89 -40.78 -10.98
N ARG B 18 -6.83 -41.27 -10.35
CA ARG B 18 -6.09 -40.50 -9.36
C ARG B 18 -5.05 -39.67 -10.07
N VAL B 19 -5.03 -38.37 -9.81
CA VAL B 19 -4.19 -37.39 -10.50
C VAL B 19 -3.36 -36.66 -9.46
N THR B 20 -2.05 -36.54 -9.70
CA THR B 20 -1.17 -35.77 -8.79
C THR B 20 -0.34 -34.80 -9.61
N ILE B 21 -0.34 -33.54 -9.19
CA ILE B 21 0.51 -32.55 -9.85
C ILE B 21 1.42 -31.91 -8.82
N THR B 22 2.58 -31.44 -9.30
CA THR B 22 3.69 -31.05 -8.44
C THR B 22 4.02 -29.58 -8.67
N CYS B 23 4.49 -28.94 -7.61
CA CYS B 23 4.89 -27.54 -7.60
C CYS B 23 6.19 -27.46 -6.80
N ARG B 24 7.22 -26.82 -7.34
CA ARG B 24 8.48 -26.62 -6.62
C ARG B 24 8.77 -25.12 -6.47
N ALA B 25 9.23 -24.73 -5.30
CA ALA B 25 9.65 -23.37 -5.01
C ALA B 25 11.18 -23.30 -5.08
N SER B 26 11.70 -22.19 -5.62
CA SER B 26 13.15 -22.09 -5.78
C SER B 26 13.87 -21.92 -4.44
N GLN B 27 13.17 -21.42 -3.42
CA GLN B 27 13.69 -21.28 -2.06
C GLN B 27 12.56 -21.67 -1.11
N SER B 28 12.88 -21.94 0.15
CA SER B 28 11.82 -22.45 1.02
C SER B 28 10.75 -21.40 1.23
N ILE B 29 9.50 -21.83 1.18
CA ILE B 29 8.33 -20.99 1.45
C ILE B 29 7.50 -21.54 2.61
N SER B 30 8.04 -22.52 3.34
CA SER B 30 7.35 -23.07 4.51
CA SER B 30 7.36 -23.08 4.51
C SER B 30 6.01 -23.66 4.04
N ARG B 31 4.88 -23.23 4.63
CA ARG B 31 3.56 -23.71 4.25
CA ARG B 31 3.56 -23.71 4.23
C ARG B 31 2.75 -22.68 3.44
N TRP B 32 3.39 -21.59 3.01
CA TRP B 32 2.69 -20.45 2.42
C TRP B 32 2.46 -20.66 0.92
N LEU B 33 1.63 -21.65 0.62
CA LEU B 33 1.40 -22.06 -0.78
C LEU B 33 -0.09 -22.24 -1.00
N ALA B 34 -0.59 -21.70 -2.11
CA ALA B 34 -1.99 -21.82 -2.44
C ALA B 34 -2.14 -22.54 -3.78
N TRP B 35 -3.28 -23.19 -3.99
CA TRP B 35 -3.60 -23.80 -5.29
C TRP B 35 -4.87 -23.19 -5.80
N PHE B 36 -4.87 -22.71 -7.05
CA PHE B 36 -6.03 -22.16 -7.72
C PHE B 36 -6.41 -23.04 -8.92
N GLN B 37 -7.70 -23.10 -9.22
CA GLN B 37 -8.25 -23.76 -10.41
C GLN B 37 -8.74 -22.70 -11.39
N LYS B 38 -8.37 -22.82 -12.68
CA LYS B 38 -8.80 -21.83 -13.65
C LYS B 38 -9.31 -22.54 -14.90
N LYS B 39 -10.44 -22.15 -15.35
CA LYS B 39 -11.02 -22.64 -16.61
C LYS B 39 -10.99 -21.55 -17.66
N PRO B 40 -11.02 -21.91 -18.94
CA PRO B 40 -10.74 -20.91 -19.98
C PRO B 40 -11.74 -19.77 -19.94
N GLY B 41 -11.21 -18.55 -19.94
CA GLY B 41 -12.02 -17.35 -19.87
C GLY B 41 -12.73 -17.11 -18.55
N LYS B 42 -12.40 -17.82 -17.47
CA LYS B 42 -13.07 -17.62 -16.19
C LYS B 42 -12.05 -17.28 -15.10
N ALA B 43 -12.50 -16.56 -14.07
CA ALA B 43 -11.63 -16.17 -12.96
C ALA B 43 -11.08 -17.40 -12.23
N PRO B 44 -9.81 -17.38 -11.77
CA PRO B 44 -9.28 -18.45 -10.92
C PRO B 44 -10.12 -18.57 -9.65
N LYS B 45 -10.17 -19.79 -9.12
CA LYS B 45 -10.87 -20.12 -7.87
C LYS B 45 -9.88 -20.73 -6.90
N LEU B 46 -9.86 -20.24 -5.66
CA LEU B 46 -8.93 -20.76 -4.69
C LEU B 46 -9.43 -22.08 -4.13
N LEU B 47 -8.60 -23.12 -4.19
CA LEU B 47 -9.01 -24.45 -3.71
C LEU B 47 -8.33 -24.82 -2.40
N ILE B 48 -7.02 -24.61 -2.29
CA ILE B 48 -6.26 -25.01 -1.11
C ILE B 48 -5.42 -23.84 -0.67
N TYR B 49 -5.30 -23.66 0.62
CA TYR B 49 -4.56 -22.55 1.17
C TYR B 49 -3.74 -23.06 2.36
N THR B 50 -2.64 -22.40 2.64
CA THR B 50 -1.72 -22.90 3.69
C THR B 50 -1.27 -24.33 3.37
N ALA B 51 -1.00 -24.56 2.06
CA ALA B 51 -0.51 -25.79 1.45
C ALA B 51 -1.44 -27.00 1.50
N SER B 52 -2.19 -27.20 2.60
CA SER B 52 -3.01 -28.39 2.78
CA SER B 52 -3.00 -28.40 2.76
C SER B 52 -4.44 -28.12 3.20
N ASN B 53 -4.83 -26.87 3.47
CA ASN B 53 -6.15 -26.61 4.04
C ASN B 53 -7.17 -26.35 2.94
N LEU B 54 -8.17 -27.24 2.84
CA LEU B 54 -9.18 -27.05 1.81
C LEU B 54 -10.07 -25.86 2.14
N GLU B 55 -10.40 -25.07 1.12
CA GLU B 55 -11.30 -23.94 1.29
C GLU B 55 -12.75 -24.41 1.35
N SER B 56 -13.64 -23.53 1.82
CA SER B 56 -15.03 -23.90 2.01
C SER B 56 -15.68 -24.36 0.71
N GLY B 57 -16.37 -25.50 0.77
CA GLY B 57 -17.09 -26.07 -0.36
C GLY B 57 -16.23 -26.88 -1.31
N VAL B 58 -14.93 -26.84 -1.16
CA VAL B 58 -14.06 -27.61 -2.03
C VAL B 58 -14.22 -29.09 -1.75
N PRO B 59 -14.51 -29.92 -2.77
CA PRO B 59 -14.83 -31.34 -2.53
C PRO B 59 -13.71 -32.10 -1.83
N SER B 60 -14.11 -33.16 -1.12
CA SER B 60 -13.18 -33.96 -0.32
C SER B 60 -12.13 -34.66 -1.17
N ARG B 61 -12.39 -34.87 -2.46
CA ARG B 61 -11.43 -35.57 -3.32
C ARG B 61 -10.14 -34.79 -3.57
N PHE B 62 -10.10 -33.50 -3.26
CA PHE B 62 -8.89 -32.69 -3.42
C PHE B 62 -8.05 -32.77 -2.15
N SER B 63 -6.72 -32.77 -2.31
CA SER B 63 -5.82 -32.74 -1.16
CA SER B 63 -5.84 -32.69 -1.15
C SER B 63 -4.54 -32.04 -1.58
N GLY B 64 -3.93 -31.29 -0.66
CA GLY B 64 -2.67 -30.63 -0.91
C GLY B 64 -1.69 -31.13 0.13
N SER B 65 -0.42 -31.25 -0.27
CA SER B 65 0.62 -31.73 0.62
CA SER B 65 0.60 -31.73 0.63
C SER B 65 1.90 -30.97 0.36
N GLY B 66 2.77 -30.98 1.37
CA GLY B 66 4.08 -30.37 1.22
C GLY B 66 4.39 -29.25 2.18
N SER B 67 5.68 -29.03 2.40
CA SER B 67 6.15 -27.91 3.20
C SER B 67 7.59 -27.67 2.79
N GLY B 68 7.94 -26.42 2.53
CA GLY B 68 9.34 -26.15 2.26
C GLY B 68 9.50 -25.78 0.79
N THR B 69 10.00 -26.70 -0.05
CA THR B 69 10.09 -26.43 -1.48
C THR B 69 9.28 -27.35 -2.39
N GLU B 70 8.82 -28.52 -1.93
CA GLU B 70 8.10 -29.44 -2.81
C GLU B 70 6.65 -29.61 -2.36
N PHE B 71 5.71 -29.42 -3.28
CA PHE B 71 4.27 -29.41 -2.98
C PHE B 71 3.53 -30.24 -4.01
N THR B 72 2.42 -30.84 -3.59
CA THR B 72 1.63 -31.60 -4.55
C THR B 72 0.16 -31.33 -4.35
N LEU B 73 -0.60 -31.38 -5.44
N LEU B 73 -0.60 -31.47 -5.43
CA LEU B 73 -2.04 -31.45 -5.37
CA LEU B 73 -2.05 -31.41 -5.43
C LEU B 73 -2.45 -32.80 -5.93
C LEU B 73 -2.58 -32.72 -6.00
N THR B 74 -3.37 -33.46 -5.22
CA THR B 74 -3.88 -34.75 -5.63
C THR B 74 -5.40 -34.71 -5.72
N ILE B 75 -5.94 -35.26 -6.78
CA ILE B 75 -7.38 -35.50 -6.91
C ILE B 75 -7.54 -36.99 -6.88
N SER B 76 -8.23 -37.49 -5.85
CA SER B 76 -8.27 -38.92 -5.57
C SER B 76 -9.07 -39.70 -6.60
N SER B 77 -10.08 -39.08 -7.23
CA SER B 77 -10.92 -39.71 -8.24
C SER B 77 -11.45 -38.56 -9.10
N LEU B 78 -10.83 -38.33 -10.26
CA LEU B 78 -11.14 -37.17 -11.06
C LEU B 78 -12.61 -37.16 -11.48
N GLN B 79 -13.23 -35.98 -11.44
CA GLN B 79 -14.62 -35.80 -11.86
CA GLN B 79 -14.61 -35.83 -11.89
C GLN B 79 -14.64 -34.86 -13.08
N PRO B 80 -15.71 -34.89 -13.87
CA PRO B 80 -15.77 -33.99 -15.05
C PRO B 80 -15.51 -32.51 -14.74
N ASP B 81 -15.97 -32.02 -13.59
CA ASP B 81 -15.75 -30.64 -13.21
C ASP B 81 -14.29 -30.32 -12.96
N ASP B 82 -13.43 -31.32 -12.86
CA ASP B 82 -12.04 -31.08 -12.46
C ASP B 82 -11.10 -30.83 -13.64
N PHE B 83 -11.54 -31.02 -14.89
CA PHE B 83 -10.70 -30.68 -16.03
C PHE B 83 -10.58 -29.16 -16.11
N ALA B 84 -9.34 -28.65 -16.00
CA ALA B 84 -9.04 -27.25 -15.77
C ALA B 84 -7.53 -27.09 -15.76
N THR B 85 -7.05 -25.85 -15.69
CA THR B 85 -5.65 -25.59 -15.40
C THR B 85 -5.48 -25.23 -13.92
N TYR B 86 -4.50 -25.83 -13.28
CA TYR B 86 -4.22 -25.59 -11.86
C TYR B 86 -2.92 -24.80 -11.73
N TYR B 87 -2.94 -23.74 -10.91
CA TYR B 87 -1.81 -22.86 -10.66
C TYR B 87 -1.45 -22.88 -9.20
N CYS B 88 -0.16 -23.05 -8.90
CA CYS B 88 0.22 -22.81 -7.50
C CYS B 88 0.68 -21.37 -7.34
N GLN B 89 0.65 -20.89 -6.11
CA GLN B 89 1.05 -19.53 -5.82
C GLN B 89 1.70 -19.52 -4.45
N GLN B 90 2.94 -19.01 -4.35
CA GLN B 90 3.54 -18.80 -3.01
C GLN B 90 3.19 -17.39 -2.54
N TYR B 91 2.96 -17.24 -1.22
CA TYR B 91 2.58 -15.93 -0.66
C TYR B 91 3.42 -15.67 0.60
N TYR B 92 4.66 -16.19 0.58
CA TYR B 92 5.69 -15.91 1.57
C TYR B 92 6.44 -14.62 1.29
N ASN B 93 6.85 -14.40 0.04
CA ASN B 93 7.73 -13.27 -0.32
C ASN B 93 7.15 -12.64 -1.57
N TYR B 94 6.32 -11.61 -1.39
CA TYR B 94 5.43 -11.09 -2.45
C TYR B 94 4.58 -12.28 -2.92
N TRP B 95 4.18 -12.33 -4.20
CA TRP B 95 3.23 -13.33 -4.67
C TRP B 95 3.72 -13.73 -6.05
N THR B 96 4.04 -15.01 -6.24
CA THR B 96 4.42 -15.46 -7.58
C THR B 96 3.74 -16.79 -7.87
N PHE B 97 3.50 -17.05 -9.16
CA PHE B 97 2.71 -18.18 -9.63
C PHE B 97 3.56 -19.17 -10.41
N GLY B 98 3.18 -20.45 -10.35
CA GLY B 98 3.72 -21.40 -11.31
C GLY B 98 3.08 -21.18 -12.68
N GLN B 99 3.64 -21.83 -13.69
CA GLN B 99 3.17 -21.65 -15.07
C GLN B 99 1.88 -22.37 -15.35
N GLY B 100 1.44 -23.23 -14.43
CA GLY B 100 0.18 -23.97 -14.50
C GLY B 100 0.31 -25.37 -15.08
N THR B 101 -0.60 -26.26 -14.68
CA THR B 101 -0.71 -27.63 -15.19
C THR B 101 -2.11 -27.79 -15.74
N LYS B 102 -2.20 -28.12 -17.03
CA LYS B 102 -3.50 -28.35 -17.66
C LYS B 102 -3.86 -29.82 -17.52
N VAL B 103 -5.00 -30.09 -16.89
CA VAL B 103 -5.51 -31.45 -16.75
C VAL B 103 -6.57 -31.60 -17.84
N GLU B 104 -6.25 -32.40 -18.85
CA GLU B 104 -7.07 -32.51 -20.06
C GLU B 104 -7.64 -33.92 -20.18
N VAL B 105 -8.61 -34.06 -21.08
CA VAL B 105 -9.33 -35.33 -21.22
C VAL B 105 -8.51 -36.28 -22.07
N LYS B 106 -8.27 -37.48 -21.54
CA LYS B 106 -7.56 -38.51 -22.31
C LYS B 106 -8.47 -39.15 -23.34
N ARG B 107 -7.93 -39.38 -24.54
CA ARG B 107 -8.61 -40.22 -25.52
C ARG B 107 -7.55 -40.94 -26.33
N THR B 108 -8.00 -41.82 -27.24
CA THR B 108 -7.06 -42.55 -28.07
C THR B 108 -6.34 -41.60 -29.02
N VAL B 109 -5.14 -42.00 -29.42
CA VAL B 109 -4.35 -41.17 -30.33
C VAL B 109 -5.11 -41.06 -31.64
N ALA B 110 -5.14 -39.85 -32.22
CA ALA B 110 -5.80 -39.61 -33.50
C ALA B 110 -4.91 -38.74 -34.38
N ALA B 111 -4.50 -39.27 -35.55
CA ALA B 111 -3.64 -38.51 -36.45
C ALA B 111 -4.43 -37.32 -37.02
N PRO B 112 -3.80 -36.17 -37.26
CA PRO B 112 -4.52 -35.09 -37.94
C PRO B 112 -4.75 -35.39 -39.41
N SER B 113 -5.93 -34.96 -39.91
CA SER B 113 -6.11 -34.75 -41.35
C SER B 113 -5.45 -33.42 -41.69
N VAL B 114 -4.58 -33.42 -42.69
CA VAL B 114 -3.81 -32.23 -43.01
C VAL B 114 -4.29 -31.67 -44.35
N PHE B 115 -4.50 -30.35 -44.41
CA PHE B 115 -4.94 -29.67 -45.63
C PHE B 115 -4.06 -28.46 -45.89
N ILE B 116 -3.78 -28.14 -47.16
CA ILE B 116 -3.02 -26.92 -47.45
C ILE B 116 -3.84 -26.05 -48.40
N PHE B 117 -3.81 -24.74 -48.16
CA PHE B 117 -4.58 -23.79 -48.92
C PHE B 117 -3.63 -22.74 -49.50
N PRO B 118 -3.52 -22.64 -50.82
CA PRO B 118 -2.68 -21.56 -51.39
C PRO B 118 -3.35 -20.22 -51.19
N PRO B 119 -2.62 -19.12 -51.34
CA PRO B 119 -3.25 -17.79 -51.32
C PRO B 119 -4.29 -17.60 -52.41
N SER B 120 -5.32 -16.83 -52.10
CA SER B 120 -6.34 -16.51 -53.08
C SER B 120 -5.87 -15.44 -54.06
N ASP B 121 -6.45 -15.46 -55.27
CA ASP B 121 -6.15 -14.37 -56.20
C ASP B 121 -6.53 -13.02 -55.62
N GLU B 122 -7.63 -12.95 -54.87
CA GLU B 122 -8.03 -11.68 -54.25
C GLU B 122 -6.92 -11.17 -53.33
N GLN B 123 -6.32 -12.06 -52.54
CA GLN B 123 -5.26 -11.59 -51.65
C GLN B 123 -4.04 -11.13 -52.41
N LEU B 124 -3.58 -11.92 -53.40
CA LEU B 124 -2.40 -11.57 -54.16
C LEU B 124 -2.52 -10.18 -54.78
N LYS B 125 -3.74 -9.81 -55.22
CA LYS B 125 -3.96 -8.48 -55.80
C LYS B 125 -3.49 -7.36 -54.88
N SER B 126 -3.54 -7.58 -53.57
CA SER B 126 -3.19 -6.57 -52.57
C SER B 126 -1.73 -6.63 -52.10
N GLY B 127 -0.91 -7.54 -52.65
CA GLY B 127 0.51 -7.54 -52.36
C GLY B 127 0.98 -8.38 -51.18
N THR B 128 0.13 -9.22 -50.60
CA THR B 128 0.57 -10.18 -49.59
C THR B 128 0.03 -11.56 -49.97
N ALA B 129 0.70 -12.61 -49.50
CA ALA B 129 0.30 -13.98 -49.76
C ALA B 129 0.32 -14.72 -48.45
N SER B 130 -0.80 -15.33 -48.09
CA SER B 130 -0.85 -16.19 -46.91
C SER B 130 -1.13 -17.62 -47.38
N VAL B 131 -0.32 -18.55 -46.91
CA VAL B 131 -0.51 -19.97 -47.18
C VAL B 131 -0.94 -20.62 -45.87
N VAL B 132 -2.07 -21.33 -45.87
CA VAL B 132 -2.61 -21.89 -44.61
C VAL B 132 -2.47 -23.40 -44.62
N CYS B 133 -1.92 -23.94 -43.53
CA CYS B 133 -1.86 -25.38 -43.34
C CYS B 133 -2.76 -25.72 -42.15
N LEU B 134 -3.71 -26.62 -42.37
CA LEU B 134 -4.68 -26.99 -41.34
C LEU B 134 -4.45 -28.42 -40.88
N LEU B 135 -4.39 -28.62 -39.54
CA LEU B 135 -4.31 -29.95 -38.90
C LEU B 135 -5.64 -30.11 -38.21
N ASN B 136 -6.46 -31.06 -38.65
CA ASN B 136 -7.82 -31.15 -38.14
C ASN B 136 -8.02 -32.37 -37.25
N ASN B 137 -8.57 -32.14 -36.03
CA ASN B 137 -9.17 -33.20 -35.20
C ASN B 137 -8.15 -34.27 -34.79
N PHE B 138 -7.09 -33.85 -34.11
CA PHE B 138 -6.02 -34.75 -33.72
C PHE B 138 -5.86 -34.80 -32.21
N TYR B 139 -5.15 -35.85 -31.75
CA TYR B 139 -4.88 -35.99 -30.32
C TYR B 139 -3.66 -36.88 -30.18
N PRO B 140 -2.69 -36.57 -29.29
CA PRO B 140 -2.60 -35.48 -28.34
C PRO B 140 -2.26 -34.18 -29.05
N ARG B 141 -2.17 -33.13 -28.26
CA ARG B 141 -1.99 -31.76 -28.77
CA ARG B 141 -2.02 -31.80 -28.85
C ARG B 141 -0.64 -31.57 -29.45
N GLU B 142 0.39 -32.27 -28.98
CA GLU B 142 1.74 -32.02 -29.46
C GLU B 142 1.83 -32.32 -30.97
N ALA B 143 2.29 -31.34 -31.74
CA ALA B 143 2.48 -31.53 -33.18
C ALA B 143 3.59 -30.58 -33.61
N LYS B 144 4.35 -30.97 -34.63
CA LYS B 144 5.43 -30.16 -35.17
C LYS B 144 5.04 -29.87 -36.60
N VAL B 145 4.94 -28.58 -36.97
CA VAL B 145 4.54 -28.19 -38.30
C VAL B 145 5.66 -27.31 -38.84
N GLN B 146 6.23 -27.70 -39.97
CA GLN B 146 7.32 -26.93 -40.56
C GLN B 146 6.95 -26.57 -42.00
N TRP B 147 7.40 -25.39 -42.43
CA TRP B 147 7.19 -24.91 -43.80
C TRP B 147 8.46 -25.03 -44.59
N LYS B 148 8.34 -25.43 -45.85
CA LYS B 148 9.48 -25.46 -46.76
C LYS B 148 9.03 -24.78 -48.02
N VAL B 149 9.85 -23.85 -48.48
CA VAL B 149 9.58 -23.11 -49.71
C VAL B 149 10.76 -23.40 -50.63
N ASP B 150 10.50 -23.98 -51.81
CA ASP B 150 11.57 -24.48 -52.71
C ASP B 150 12.52 -25.37 -51.91
N ASN B 151 11.94 -26.16 -51.03
CA ASN B 151 12.62 -27.18 -50.21
C ASN B 151 13.56 -26.56 -49.18
N ALA B 152 13.40 -25.28 -48.87
CA ALA B 152 14.19 -24.62 -47.80
C ALA B 152 13.32 -24.38 -46.59
N LEU B 153 13.71 -24.94 -45.44
CA LEU B 153 12.97 -24.74 -44.20
C LEU B 153 12.88 -23.25 -43.91
N GLN B 154 11.68 -22.78 -43.55
CA GLN B 154 11.43 -21.38 -43.27
C GLN B 154 11.56 -21.07 -41.78
N SER B 155 12.02 -19.86 -41.48
CA SER B 155 12.12 -19.37 -40.10
CA SER B 155 12.06 -19.39 -40.10
C SER B 155 11.50 -17.97 -40.02
N GLY B 156 10.68 -17.74 -39.01
CA GLY B 156 10.29 -16.39 -38.64
C GLY B 156 9.04 -15.84 -39.33
N ASN B 157 8.50 -16.56 -40.29
CA ASN B 157 7.45 -16.04 -41.18
C ASN B 157 6.18 -16.87 -41.11
N SER B 158 5.96 -17.60 -40.00
CA SER B 158 4.74 -18.36 -39.84
C SER B 158 4.25 -18.24 -38.39
N GLN B 159 2.93 -18.35 -38.22
CA GLN B 159 2.36 -18.31 -36.86
C GLN B 159 1.32 -19.43 -36.73
N GLU B 160 1.21 -20.00 -35.51
CA GLU B 160 0.23 -21.06 -35.27
C GLU B 160 -0.89 -20.58 -34.38
N SER B 161 -2.03 -21.24 -34.53
CA SER B 161 -3.15 -21.02 -33.60
C SER B 161 -3.82 -22.35 -33.34
N VAL B 162 -4.26 -22.60 -32.09
CA VAL B 162 -4.81 -23.90 -31.77
C VAL B 162 -6.14 -23.73 -31.04
N THR B 163 -7.07 -24.68 -31.27
CA THR B 163 -8.36 -24.63 -30.59
C THR B 163 -8.24 -25.19 -29.18
N GLU B 164 -9.24 -24.92 -28.36
CA GLU B 164 -9.34 -25.64 -27.07
C GLU B 164 -9.77 -27.07 -27.36
N GLN B 165 -9.56 -27.95 -26.39
CA GLN B 165 -9.96 -29.34 -26.61
C GLN B 165 -11.46 -29.40 -26.87
N ASP B 166 -11.86 -30.16 -27.90
CA ASP B 166 -13.27 -30.27 -28.26
C ASP B 166 -14.09 -30.97 -27.16
N SER B 167 -15.26 -30.41 -26.83
CA SER B 167 -16.03 -30.95 -25.73
CA SER B 167 -16.01 -30.97 -25.71
C SER B 167 -16.59 -32.34 -26.05
N LYS B 168 -16.92 -32.59 -27.31
CA LYS B 168 -17.54 -33.85 -27.68
C LYS B 168 -16.52 -34.95 -28.00
N ASP B 169 -15.48 -34.66 -28.76
CA ASP B 169 -14.58 -35.75 -29.17
C ASP B 169 -13.16 -35.60 -28.65
N SER B 170 -12.87 -34.57 -27.85
CA SER B 170 -11.62 -34.43 -27.11
C SER B 170 -10.42 -34.25 -28.01
N THR B 171 -10.62 -33.82 -29.26
CA THR B 171 -9.50 -33.54 -30.15
C THR B 171 -9.16 -32.04 -30.17
N TYR B 172 -8.06 -31.73 -30.83
CA TYR B 172 -7.60 -30.38 -31.10
C TYR B 172 -7.61 -30.16 -32.60
N SER B 173 -7.66 -28.90 -33.01
CA SER B 173 -7.33 -28.54 -34.40
C SER B 173 -6.34 -27.37 -34.37
N LEU B 174 -5.53 -27.25 -35.41
CA LEU B 174 -4.43 -26.29 -35.41
C LEU B 174 -4.27 -25.69 -36.80
N SER B 175 -3.97 -24.39 -36.86
CA SER B 175 -3.58 -23.79 -38.16
C SER B 175 -2.14 -23.29 -38.07
N SER B 176 -1.42 -23.40 -39.17
CA SER B 176 -0.13 -22.73 -39.29
C SER B 176 -0.23 -21.88 -40.55
N THR B 177 0.08 -20.59 -40.43
CA THR B 177 -0.07 -19.67 -41.57
C THR B 177 1.29 -19.07 -41.92
N LEU B 178 1.71 -19.25 -43.17
CA LEU B 178 2.95 -18.67 -43.70
C LEU B 178 2.60 -17.40 -44.43
N THR B 179 3.27 -16.29 -44.10
CA THR B 179 2.92 -14.99 -44.67
C THR B 179 4.14 -14.44 -45.39
N LEU B 180 3.96 -14.08 -46.67
CA LEU B 180 5.03 -13.61 -47.51
C LEU B 180 4.53 -12.39 -48.27
N SER B 181 5.44 -11.54 -48.69
CA SER B 181 5.02 -10.50 -49.59
C SER B 181 4.69 -11.15 -50.93
N LYS B 182 3.89 -10.46 -51.75
CA LYS B 182 3.61 -10.96 -53.11
C LYS B 182 4.91 -11.19 -53.87
N ALA B 183 5.88 -10.28 -53.76
CA ALA B 183 7.15 -10.44 -54.50
C ALA B 183 7.88 -11.71 -54.07
N ASP B 184 7.94 -11.97 -52.77
CA ASP B 184 8.60 -13.18 -52.27
C ASP B 184 7.85 -14.44 -52.70
N TYR B 185 6.52 -14.43 -52.60
CA TYR B 185 5.72 -15.58 -53.03
C TYR B 185 6.00 -15.94 -54.49
N GLU B 186 6.11 -14.94 -55.36
CA GLU B 186 6.31 -15.16 -56.79
C GLU B 186 7.73 -15.58 -57.16
N LYS B 187 8.71 -15.43 -56.27
CA LYS B 187 10.07 -15.86 -56.51
C LYS B 187 10.25 -17.35 -56.38
N HIS B 188 9.29 -18.07 -55.78
CA HIS B 188 9.46 -19.49 -55.52
C HIS B 188 8.33 -20.30 -56.09
N LYS B 189 8.55 -21.60 -56.22
CA LYS B 189 7.60 -22.51 -56.85
C LYS B 189 6.94 -23.46 -55.88
N VAL B 190 7.69 -24.16 -55.04
CA VAL B 190 7.18 -25.30 -54.28
C VAL B 190 6.91 -24.84 -52.85
N TYR B 191 5.68 -25.08 -52.37
CA TYR B 191 5.19 -24.68 -51.06
C TYR B 191 4.73 -25.94 -50.34
N ALA B 192 5.26 -26.20 -49.16
CA ALA B 192 5.03 -27.48 -48.49
C ALA B 192 4.91 -27.28 -46.98
N CYS B 193 3.87 -27.88 -46.38
CA CYS B 193 3.60 -28.00 -44.93
C CYS B 193 4.02 -29.41 -44.54
N GLU B 194 4.95 -29.59 -43.59
CA GLU B 194 5.35 -30.93 -43.14
C GLU B 194 4.90 -31.12 -41.69
N VAL B 195 4.18 -32.19 -41.40
CA VAL B 195 3.53 -32.38 -40.09
C VAL B 195 4.08 -33.65 -39.47
N THR B 196 4.57 -33.54 -38.24
CA THR B 196 4.99 -34.70 -37.44
C THR B 196 4.03 -34.81 -36.26
N HIS B 197 3.57 -36.03 -35.96
CA HIS B 197 2.58 -36.21 -34.89
C HIS B 197 2.63 -37.66 -34.46
N GLN B 198 2.35 -37.91 -33.17
CA GLN B 198 2.43 -39.27 -32.66
C GLN B 198 1.55 -40.23 -33.45
N GLY B 199 0.43 -39.74 -34.00
CA GLY B 199 -0.43 -40.65 -34.72
C GLY B 199 0.04 -40.99 -36.12
N LEU B 200 1.13 -40.37 -36.58
CA LEU B 200 1.68 -40.62 -37.92
C LEU B 200 2.99 -41.39 -37.79
N SER B 201 3.12 -42.50 -38.52
CA SER B 201 4.35 -43.28 -38.42
C SER B 201 5.54 -42.59 -39.09
N SER B 202 5.30 -41.70 -40.06
CA SER B 202 6.33 -40.88 -40.65
C SER B 202 5.72 -39.53 -40.97
N PRO B 203 6.51 -38.46 -41.02
CA PRO B 203 5.93 -37.12 -41.24
C PRO B 203 5.19 -37.01 -42.56
N VAL B 204 4.09 -36.27 -42.55
CA VAL B 204 3.23 -36.13 -43.72
C VAL B 204 3.48 -34.75 -44.33
N THR B 205 3.61 -34.69 -45.65
CA THR B 205 3.79 -33.40 -46.34
C THR B 205 2.60 -33.14 -47.25
N LYS B 206 2.05 -31.93 -47.16
CA LYS B 206 1.09 -31.44 -48.15
C LYS B 206 1.78 -30.30 -48.88
N SER B 207 1.72 -30.31 -50.21
CA SER B 207 2.47 -29.31 -50.95
C SER B 207 1.72 -28.93 -52.23
N PHE B 208 2.06 -27.77 -52.77
CA PHE B 208 1.55 -27.43 -54.10
C PHE B 208 2.62 -26.67 -54.83
N ASN B 209 2.46 -26.55 -56.17
CA ASN B 209 3.26 -25.62 -56.97
C ASN B 209 2.45 -24.34 -57.21
N ARG B 210 3.10 -23.19 -57.04
CA ARG B 210 2.44 -21.90 -57.24
C ARG B 210 1.76 -21.90 -58.60
N GLY B 211 0.44 -21.64 -58.62
CA GLY B 211 -0.27 -21.48 -59.87
C GLY B 211 -1.04 -22.67 -60.42
N GLU B 212 -1.01 -23.83 -59.75
CA GLU B 212 -1.72 -24.99 -60.25
C GLU B 212 -3.19 -25.03 -59.78
N GLN C 1 2.46 42.01 11.15
CA GLN C 1 2.26 40.66 10.65
C GLN C 1 0.90 40.14 11.08
N VAL C 2 0.43 39.05 10.46
CA VAL C 2 -0.82 38.41 10.91
C VAL C 2 -0.60 37.79 12.28
N GLN C 3 -1.35 38.28 13.29
CA GLN C 3 -1.26 37.78 14.67
C GLN C 3 -2.60 37.22 15.16
N LEU C 4 -2.57 36.07 15.83
CA LEU C 4 -3.75 35.52 16.47
C LEU C 4 -3.38 35.19 17.91
N VAL C 5 -4.04 35.81 18.89
CA VAL C 5 -3.66 35.62 20.30
C VAL C 5 -4.81 34.98 21.04
N GLU C 6 -4.66 33.69 21.40
CA GLU C 6 -5.69 32.98 22.15
C GLU C 6 -5.64 33.31 23.64
N SER C 7 -6.80 33.24 24.28
CA SER C 7 -6.91 33.46 25.71
C SER C 7 -8.08 32.63 26.22
N GLY C 8 -8.15 32.52 27.56
CA GLY C 8 -9.23 31.85 28.27
C GLY C 8 -8.93 30.43 28.69
N GLY C 9 -7.74 29.92 28.40
CA GLY C 9 -7.41 28.56 28.76
C GLY C 9 -7.13 28.45 30.25
N GLY C 10 -7.30 27.24 30.76
CA GLY C 10 -7.23 27.06 32.21
C GLY C 10 -7.70 25.67 32.59
N VAL C 11 -7.92 25.49 33.90
CA VAL C 11 -8.37 24.22 34.45
C VAL C 11 -9.89 24.21 34.53
N VAL C 12 -10.50 23.16 34.01
CA VAL C 12 -11.95 22.99 34.09
C VAL C 12 -12.25 21.61 34.67
N GLN C 13 -13.20 21.54 35.59
CA GLN C 13 -13.56 20.24 36.12
C GLN C 13 -14.39 19.50 35.07
N PRO C 14 -14.35 18.16 35.06
CA PRO C 14 -15.15 17.39 34.09
C PRO C 14 -16.64 17.73 34.19
N GLY C 15 -17.25 17.89 33.01
CA GLY C 15 -18.64 18.28 32.89
C GLY C 15 -18.90 19.78 32.89
N ARG C 16 -17.91 20.60 33.22
CA ARG C 16 -18.13 22.03 33.23
C ARG C 16 -17.90 22.58 31.82
N SER C 17 -17.97 23.91 31.70
CA SER C 17 -17.82 24.62 30.44
C SER C 17 -16.69 25.63 30.57
N LEU C 18 -16.27 26.19 29.42
CA LEU C 18 -15.16 27.10 29.31
C LEU C 18 -15.26 27.84 27.98
N ARG C 19 -14.98 29.15 27.96
CA ARG C 19 -15.00 29.89 26.70
C ARG C 19 -13.59 30.38 26.34
N LEU C 20 -13.15 30.05 25.13
CA LEU C 20 -11.87 30.52 24.61
C LEU C 20 -12.10 31.71 23.67
N SER C 21 -11.15 32.64 23.63
CA SER C 21 -11.20 33.76 22.70
CA SER C 21 -11.20 33.78 22.72
C SER C 21 -9.89 33.84 21.92
N CYS C 22 -9.94 34.57 20.81
CA CYS C 22 -8.76 34.78 19.98
C CYS C 22 -8.82 36.22 19.47
N ALA C 23 -7.78 37.01 19.70
CA ALA C 23 -7.72 38.39 19.25
C ALA C 23 -6.87 38.46 17.99
N ALA C 24 -7.44 38.95 16.90
CA ALA C 24 -6.80 38.94 15.60
C ALA C 24 -6.29 40.33 15.23
N SER C 25 -5.08 40.39 14.66
CA SER C 25 -4.56 41.66 14.16
C SER C 25 -3.67 41.42 12.93
N GLY C 26 -3.31 42.51 12.25
CA GLY C 26 -2.41 42.38 11.13
C GLY C 26 -3.09 42.00 9.83
N PHE C 27 -4.42 41.85 9.82
CA PHE C 27 -5.18 41.57 8.61
C PHE C 27 -6.62 41.97 8.86
N THR C 28 -7.39 42.12 7.77
CA THR C 28 -8.82 42.45 7.89
C THR C 28 -9.60 41.22 8.35
N PHE C 29 -9.91 41.19 9.65
CA PHE C 29 -10.47 39.98 10.25
C PHE C 29 -11.84 39.61 9.65
N SER C 30 -12.67 40.60 9.37
CA SER C 30 -14.01 40.30 8.89
C SER C 30 -14.03 39.68 7.50
N ASN C 31 -12.90 39.60 6.79
CA ASN C 31 -12.92 39.02 5.45
C ASN C 31 -12.52 37.54 5.45
N SER C 32 -12.15 37.00 6.59
CA SER C 32 -11.50 35.70 6.70
C SER C 32 -12.36 34.69 7.46
N GLY C 33 -12.52 33.51 6.87
CA GLY C 33 -12.88 32.33 7.62
C GLY C 33 -11.86 32.01 8.70
N MET C 34 -12.30 31.31 9.75
CA MET C 34 -11.48 31.04 10.92
C MET C 34 -11.73 29.63 11.44
N HIS C 35 -10.68 29.04 12.02
CA HIS C 35 -10.66 27.67 12.51
C HIS C 35 -10.17 27.63 13.96
N TRP C 36 -10.60 26.57 14.66
CA TRP C 36 -9.97 26.10 15.89
C TRP C 36 -9.40 24.72 15.60
N VAL C 37 -8.17 24.50 16.04
CA VAL C 37 -7.49 23.21 15.95
C VAL C 37 -6.88 22.92 17.32
N ARG C 38 -6.79 21.65 17.71
CA ARG C 38 -6.27 21.37 19.03
C ARG C 38 -5.22 20.27 18.94
N GLN C 39 -4.35 20.24 19.94
CA GLN C 39 -3.39 19.14 20.06
C GLN C 39 -3.41 18.63 21.49
N VAL C 40 -3.95 17.42 21.67
CA VAL C 40 -4.11 16.72 22.95
C VAL C 40 -2.75 16.18 23.38
N PRO C 41 -2.46 16.06 24.69
CA PRO C 41 -1.23 15.36 25.10
C PRO C 41 -1.22 13.94 24.56
N GLY C 42 -0.14 13.60 23.85
CA GLY C 42 0.05 12.25 23.38
C GLY C 42 -0.67 11.90 22.10
N LYS C 43 -1.31 12.87 21.45
CA LYS C 43 -1.99 12.63 20.20
C LYS C 43 -1.54 13.71 19.21
N GLY C 44 -2.02 13.60 17.97
CA GLY C 44 -1.68 14.54 16.92
C GLY C 44 -2.62 15.73 16.87
N LEU C 45 -2.44 16.55 15.84
CA LEU C 45 -3.28 17.73 15.62
C LEU C 45 -4.68 17.31 15.16
N GLU C 46 -5.71 17.96 15.70
CA GLU C 46 -7.09 17.57 15.42
C GLU C 46 -7.91 18.83 15.14
N TRP C 47 -8.51 18.90 13.95
CA TRP C 47 -9.38 20.03 13.61
C TRP C 47 -10.66 19.98 14.44
N VAL C 48 -11.11 21.16 14.91
CA VAL C 48 -12.24 21.28 15.84
C VAL C 48 -13.46 21.92 15.16
N ALA C 49 -13.28 23.05 14.48
CA ALA C 49 -14.42 23.85 14.01
C ALA C 49 -13.92 24.92 13.05
N ILE C 50 -14.81 25.32 12.13
CA ILE C 50 -14.59 26.40 11.19
C ILE C 50 -15.81 27.32 11.24
N ILE C 51 -15.58 28.63 11.08
CA ILE C 51 -16.65 29.61 10.95
C ILE C 51 -16.37 30.49 9.73
N TRP C 52 -17.41 30.74 8.94
CA TRP C 52 -17.33 31.60 7.76
C TRP C 52 -16.99 33.04 8.18
N TYR C 53 -16.43 33.79 7.23
CA TYR C 53 -16.05 35.18 7.50
C TYR C 53 -17.16 35.97 8.15
N ASP C 54 -18.40 35.73 7.74
CA ASP C 54 -19.55 36.47 8.23
C ASP C 54 -20.37 35.68 9.25
N GLY C 55 -19.89 34.52 9.68
CA GLY C 55 -20.59 33.71 10.64
C GLY C 55 -21.79 32.94 10.11
N SER C 56 -21.99 32.90 8.79
CA SER C 56 -23.18 32.32 8.19
C SER C 56 -23.17 30.80 8.20
N ASN C 57 -21.99 30.19 8.18
CA ASN C 57 -21.85 28.74 8.17
C ASN C 57 -20.84 28.35 9.24
N LYS C 58 -21.12 27.23 9.92
CA LYS C 58 -20.29 26.71 11.01
C LYS C 58 -20.28 25.19 10.88
N TYR C 59 -19.09 24.60 11.03
CA TYR C 59 -18.98 23.15 11.01
C TYR C 59 -18.03 22.69 12.09
N TYR C 60 -18.20 21.43 12.52
CA TYR C 60 -17.59 20.91 13.74
C TYR C 60 -17.06 19.50 13.52
N ALA C 61 -16.05 19.14 14.29
CA ALA C 61 -15.63 17.75 14.28
C ALA C 61 -16.69 16.88 14.96
N ASP C 62 -16.75 15.61 14.55
CA ASP C 62 -17.72 14.71 15.17
C ASP C 62 -17.51 14.62 16.67
N SER C 63 -16.25 14.65 17.11
CA SER C 63 -15.97 14.48 18.55
C SER C 63 -16.50 15.61 19.42
N VAL C 64 -16.81 16.77 18.84
CA VAL C 64 -17.28 17.90 19.64
C VAL C 64 -18.67 18.34 19.26
N LYS C 65 -19.27 17.72 18.24
CA LYS C 65 -20.57 18.17 17.77
C LYS C 65 -21.59 18.05 18.89
N GLY C 66 -22.43 19.07 19.03
CA GLY C 66 -23.37 19.10 20.13
C GLY C 66 -22.84 19.68 21.42
N ARG C 67 -21.51 19.72 21.62
CA ARG C 67 -20.91 20.27 22.83
C ARG C 67 -20.19 21.60 22.63
N PHE C 68 -19.60 21.84 21.46
CA PHE C 68 -18.84 23.05 21.18
C PHE C 68 -19.63 23.92 20.20
N SER C 69 -19.56 25.23 20.38
CA SER C 69 -20.12 26.12 19.36
C SER C 69 -19.11 27.22 19.07
N VAL C 70 -18.89 27.54 17.78
CA VAL C 70 -17.96 28.61 17.43
C VAL C 70 -18.75 29.88 17.09
N SER C 71 -18.18 31.05 17.41
CA SER C 71 -18.81 32.32 17.11
C SER C 71 -17.75 33.40 16.93
N ARG C 72 -18.15 34.53 16.36
CA ARG C 72 -17.18 35.58 16.14
C ARG C 72 -17.89 36.93 16.33
N ASP C 73 -17.09 37.96 16.58
CA ASP C 73 -17.58 39.33 16.71
C ASP C 73 -16.69 40.18 15.82
N ASN C 74 -17.12 40.39 14.57
CA ASN C 74 -16.27 41.09 13.64
C ASN C 74 -16.06 42.54 14.01
N SER C 75 -16.98 43.15 14.77
CA SER C 75 -16.75 44.51 15.21
C SER C 75 -15.62 44.60 16.24
N GLU C 76 -15.27 43.49 16.88
CA GLU C 76 -14.22 43.46 17.89
C GLU C 76 -13.02 42.60 17.48
N ASN C 77 -12.95 42.19 16.22
CA ASN C 77 -11.86 41.34 15.73
C ASN C 77 -11.58 40.16 16.68
N THR C 78 -12.66 39.48 17.10
CA THR C 78 -12.49 38.34 18.02
C THR C 78 -13.25 37.12 17.57
N LEU C 79 -12.60 35.96 17.68
CA LEU C 79 -13.19 34.65 17.51
C LEU C 79 -13.38 34.00 18.89
N TYR C 80 -14.40 33.16 19.02
CA TYR C 80 -14.73 32.50 20.27
C TYR C 80 -14.97 31.02 20.04
N LEU C 81 -14.66 30.21 21.06
CA LEU C 81 -15.06 28.80 21.08
C LEU C 81 -15.72 28.56 22.42
N GLN C 82 -17.03 28.31 22.43
CA GLN C 82 -17.72 27.96 23.69
C GLN C 82 -17.73 26.44 23.83
N MET C 83 -17.15 25.93 24.91
CA MET C 83 -17.06 24.49 25.10
C MET C 83 -17.88 24.08 26.33
N SER C 84 -18.56 22.95 26.21
CA SER C 84 -19.46 22.51 27.26
C SER C 84 -19.27 21.01 27.45
N ASN C 85 -19.69 20.52 28.63
CA ASN C 85 -19.58 19.10 28.99
C ASN C 85 -18.17 18.57 28.70
N LEU C 86 -17.18 19.33 29.15
CA LEU C 86 -15.79 18.98 28.88
C LEU C 86 -15.42 17.69 29.61
N ARG C 87 -14.59 16.88 28.96
CA ARG C 87 -14.11 15.61 29.50
C ARG C 87 -12.59 15.53 29.37
N ALA C 88 -12.02 14.49 29.98
CA ALA C 88 -10.55 14.34 29.97
C ALA C 88 -9.97 14.37 28.56
N GLU C 89 -10.63 13.73 27.60
CA GLU C 89 -10.06 13.73 26.27
C GLU C 89 -10.13 15.10 25.56
N ASP C 90 -10.74 16.14 26.15
CA ASP C 90 -10.67 17.49 25.58
C ASP C 90 -9.48 18.30 26.08
N THR C 91 -8.72 17.79 27.04
CA THR C 91 -7.44 18.40 27.43
C THR C 91 -6.52 18.56 26.22
N ALA C 92 -6.08 19.80 25.96
CA ALA C 92 -5.28 20.02 24.75
C ALA C 92 -4.77 21.46 24.74
N VAL C 93 -3.81 21.73 23.85
CA VAL C 93 -3.55 23.11 23.46
C VAL C 93 -4.54 23.44 22.33
N TYR C 94 -5.23 24.56 22.43
CA TYR C 94 -6.23 24.98 21.44
C TYR C 94 -5.64 26.13 20.65
N TYR C 95 -5.61 26.00 19.32
CA TYR C 95 -5.04 27.00 18.44
C TYR C 95 -6.14 27.68 17.64
N CYS C 96 -6.04 29.00 17.53
CA CYS C 96 -6.76 29.83 16.56
C CYS C 96 -5.98 29.77 15.25
N VAL C 97 -6.65 29.47 14.13
CA VAL C 97 -5.98 29.34 12.84
C VAL C 97 -6.81 30.05 11.78
N ARG C 98 -6.16 30.86 10.95
CA ARG C 98 -6.88 31.56 9.89
C ARG C 98 -7.08 30.64 8.68
N ALA C 99 -8.28 30.66 8.12
CA ALA C 99 -8.44 29.97 6.82
C ALA C 99 -7.50 30.57 5.77
N TYR C 100 -7.00 29.73 4.85
CA TYR C 100 -6.11 30.26 3.82
C TYR C 100 -6.74 31.43 3.06
N PHE C 101 -6.01 32.52 2.95
CA PHE C 101 -6.54 33.70 2.27
C PHE C 101 -5.93 33.81 0.88
N ASP C 102 -6.79 33.88 -0.12
CA ASP C 102 -6.38 34.00 -1.52
C ASP C 102 -7.14 35.15 -2.14
N SER C 103 -6.42 36.27 -2.38
CA SER C 103 -7.00 37.47 -2.96
C SER C 103 -7.56 37.22 -4.35
N GLU C 104 -7.13 36.16 -5.00
CA GLU C 104 -7.61 35.83 -6.33
C GLU C 104 -8.56 34.64 -6.37
N ASN C 105 -8.79 33.96 -5.24
CA ASN C 105 -9.74 32.84 -5.13
C ASN C 105 -9.55 31.83 -6.27
N LEU C 106 -8.32 31.32 -6.40
CA LEU C 106 -8.01 30.47 -7.57
C LEU C 106 -8.61 29.06 -7.47
N TYR C 107 -8.81 28.55 -6.26
CA TYR C 107 -9.02 27.13 -6.06
C TYR C 107 -10.38 26.91 -5.40
N ASP C 108 -10.91 25.71 -5.58
CA ASP C 108 -12.21 25.34 -5.06
C ASP C 108 -12.20 24.83 -3.63
N TYR C 109 -11.02 24.48 -3.10
CA TYR C 109 -10.90 23.88 -1.78
C TYR C 109 -9.91 24.70 -0.97
N TYR C 110 -10.17 24.86 0.33
CA TYR C 110 -9.42 25.78 1.17
C TYR C 110 -8.86 25.09 2.40
N GLY C 111 -7.58 25.34 2.71
CA GLY C 111 -6.96 24.89 3.95
C GLY C 111 -6.78 26.06 4.89
N MET C 112 -5.58 26.21 5.47
CA MET C 112 -5.27 27.11 6.60
C MET C 112 -3.91 27.76 6.37
N ASP C 113 -3.73 29.03 6.81
CA ASP C 113 -2.36 29.55 6.67
C ASP C 113 -1.74 29.87 8.04
N VAL C 114 -2.16 30.97 8.75
CA VAL C 114 -1.45 31.42 9.95
C VAL C 114 -2.04 30.83 11.21
N TRP C 115 -1.18 30.44 12.15
CA TRP C 115 -1.60 29.89 13.41
C TRP C 115 -1.23 30.81 14.58
N GLY C 116 -2.06 30.80 15.63
CA GLY C 116 -1.69 31.44 16.88
C GLY C 116 -0.77 30.53 17.66
N GLN C 117 -0.38 31.00 18.86
CA GLN C 117 0.53 30.21 19.68
C GLN C 117 -0.19 29.18 20.55
N GLY C 118 -1.48 29.37 20.78
CA GLY C 118 -2.26 28.34 21.43
C GLY C 118 -2.51 28.70 22.89
N THR C 119 -3.60 28.13 23.43
CA THR C 119 -3.92 28.28 24.86
C THR C 119 -4.26 26.89 25.39
N THR C 120 -3.87 26.59 26.65
CA THR C 120 -3.99 25.22 27.15
C THR C 120 -5.24 25.08 28.00
N VAL C 121 -6.00 24.03 27.74
CA VAL C 121 -7.15 23.65 28.54
C VAL C 121 -6.84 22.32 29.20
N THR C 122 -7.00 22.28 30.51
CA THR C 122 -6.75 21.07 31.30
C THR C 122 -8.07 20.68 31.97
N VAL C 123 -8.63 19.53 31.60
CA VAL C 123 -9.87 19.04 32.17
C VAL C 123 -9.46 18.00 33.21
N SER C 124 -9.74 18.31 34.47
CA SER C 124 -9.26 17.50 35.58
C SER C 124 -10.03 17.81 36.85
N SER C 125 -10.17 16.77 37.70
CA SER C 125 -10.77 16.90 39.02
CA SER C 125 -10.77 16.92 39.01
C SER C 125 -9.75 17.23 40.11
N ALA C 126 -8.46 17.34 39.77
CA ALA C 126 -7.43 17.59 40.78
C ALA C 126 -7.58 18.96 41.41
N SER C 127 -7.17 19.04 42.68
CA SER C 127 -7.21 20.30 43.42
C SER C 127 -5.87 21.01 43.26
N THR C 128 -5.92 22.33 43.14
CA THR C 128 -4.69 23.11 43.07
C THR C 128 -3.81 22.82 44.29
N LYS C 129 -2.53 22.56 44.06
CA LYS C 129 -1.61 22.19 45.14
C LYS C 129 -0.18 22.54 44.74
N GLY C 130 0.55 23.20 45.64
CA GLY C 130 1.95 23.49 45.45
C GLY C 130 2.82 22.26 45.62
N PRO C 131 4.00 22.27 45.02
CA PRO C 131 4.87 21.09 45.06
C PRO C 131 5.57 20.91 46.40
N SER C 132 5.96 19.66 46.65
CA SER C 132 6.99 19.37 47.65
C SER C 132 8.33 19.28 46.93
N VAL C 133 9.36 19.89 47.48
CA VAL C 133 10.67 19.89 46.84
C VAL C 133 11.64 19.10 47.71
N PHE C 134 12.20 18.05 47.14
CA PHE C 134 13.11 17.18 47.86
C PHE C 134 14.47 17.17 47.17
N PRO C 135 15.54 17.05 47.95
CA PRO C 135 16.88 17.06 47.37
C PRO C 135 17.24 15.72 46.75
N LEU C 136 18.01 15.80 45.66
CA LEU C 136 18.66 14.66 45.02
C LEU C 136 20.15 14.89 45.28
N ALA C 137 20.63 14.37 46.39
CA ALA C 137 21.94 14.75 46.90
C ALA C 137 23.05 14.07 46.08
N PRO C 138 24.17 14.74 45.85
CA PRO C 138 25.26 14.11 45.09
C PRO C 138 25.89 12.97 45.88
N SER C 139 26.28 11.91 45.15
CA SER C 139 27.20 10.83 45.54
C SER C 139 26.74 9.51 44.91
N SER C 142 30.49 7.11 45.62
CA SER C 142 30.68 8.53 45.91
C SER C 142 31.57 9.19 44.83
N THR C 143 31.36 10.49 44.64
CA THR C 143 32.00 11.23 43.56
C THR C 143 33.50 11.44 43.83
N SER C 144 34.26 11.58 42.74
CA SER C 144 35.72 11.84 42.78
C SER C 144 36.05 13.32 42.52
N GLY C 146 36.60 15.51 38.86
CA GLY C 146 35.41 14.74 38.55
C GLY C 146 34.14 15.57 38.38
N THR C 147 33.06 14.91 37.97
CA THR C 147 31.77 15.57 37.75
C THR C 147 30.70 14.88 38.59
N ALA C 148 29.99 15.68 39.38
CA ALA C 148 28.92 15.15 40.21
C ALA C 148 27.57 15.62 39.68
N ALA C 149 26.57 14.77 39.85
CA ALA C 149 25.20 15.12 39.53
C ALA C 149 24.40 15.32 40.81
N LEU C 150 23.57 16.35 40.82
CA LEU C 150 22.68 16.61 41.94
C LEU C 150 21.40 17.22 41.38
N GLY C 151 20.38 17.33 42.20
CA GLY C 151 19.11 17.81 41.69
C GLY C 151 18.08 18.06 42.77
N CYS C 152 16.88 18.34 42.31
CA CYS C 152 15.69 18.50 43.15
CA CYS C 152 15.73 18.41 43.19
C CYS C 152 14.55 17.73 42.52
N LEU C 153 13.78 17.04 43.36
CA LEU C 153 12.55 16.39 42.95
C LEU C 153 11.39 17.32 43.32
N VAL C 154 10.62 17.74 42.32
CA VAL C 154 9.50 18.67 42.51
C VAL C 154 8.23 17.83 42.32
N LYS C 155 7.64 17.40 43.43
CA LYS C 155 6.67 16.31 43.42
C LYS C 155 5.28 16.82 43.82
N ASP C 156 4.26 16.31 43.13
CA ASP C 156 2.85 16.37 43.56
C ASP C 156 2.29 17.79 43.55
N TYR C 157 2.28 18.40 42.37
CA TYR C 157 1.70 19.74 42.24
C TYR C 157 0.65 19.76 41.14
N PHE C 158 -0.24 20.75 41.20
CA PHE C 158 -1.25 20.86 40.14
C PHE C 158 -1.74 22.30 40.12
N PRO C 159 -1.98 22.91 38.93
CA PRO C 159 -1.73 22.38 37.58
C PRO C 159 -0.32 22.71 37.13
N GLU C 160 0.03 22.44 35.86
CA GLU C 160 1.27 22.98 35.35
C GLU C 160 1.14 24.49 35.15
N PRO C 161 2.27 25.22 35.11
CA PRO C 161 3.66 24.79 35.20
C PRO C 161 4.33 25.15 36.52
N VAL C 162 5.52 24.58 36.76
CA VAL C 162 6.44 25.11 37.75
C VAL C 162 7.60 25.68 36.98
N THR C 163 8.27 26.66 37.58
CA THR C 163 9.57 27.11 37.11
C THR C 163 10.63 26.67 38.09
N VAL C 164 11.77 26.21 37.57
CA VAL C 164 12.90 25.80 38.39
C VAL C 164 14.12 26.54 37.90
N SER C 165 14.84 27.18 38.82
CA SER C 165 16.13 27.76 38.50
C SER C 165 17.12 27.26 39.54
N TRP C 166 18.41 27.51 39.33
CA TRP C 166 19.42 27.15 40.30
C TRP C 166 20.23 28.36 40.70
N ASN C 167 20.40 28.55 42.01
CA ASN C 167 21.15 29.68 42.57
C ASN C 167 20.64 30.99 42.01
N SER C 168 19.30 31.09 41.95
CA SER C 168 18.62 32.31 41.51
C SER C 168 19.06 32.71 40.11
N GLY C 169 19.41 31.72 39.28
CA GLY C 169 19.71 31.97 37.88
C GLY C 169 21.18 32.03 37.53
N ALA C 170 22.07 31.97 38.51
CA ALA C 170 23.50 32.07 38.19
C ALA C 170 24.05 30.76 37.64
N LEU C 171 23.42 29.64 37.98
CA LEU C 171 23.83 28.31 37.51
C LEU C 171 22.87 27.87 36.40
N THR C 172 23.35 27.87 35.16
CA THR C 172 22.55 27.46 34.01
C THR C 172 23.19 26.35 33.18
N SER C 173 24.52 26.28 33.11
CA SER C 173 25.17 25.27 32.30
C SER C 173 25.05 23.90 32.95
N GLY C 174 24.77 22.88 32.14
CA GLY C 174 24.61 21.54 32.65
C GLY C 174 23.30 21.28 33.35
N VAL C 175 22.35 22.22 33.35
CA VAL C 175 21.05 22.01 33.99
C VAL C 175 20.11 21.30 33.02
N HIS C 176 19.44 20.26 33.52
CA HIS C 176 18.33 19.63 32.82
C HIS C 176 17.08 19.61 33.70
N THR C 177 16.04 20.32 33.26
CA THR C 177 14.74 20.25 33.94
C THR C 177 13.80 19.44 33.05
N PHE C 178 13.42 18.30 33.52
CA PHE C 178 12.71 17.32 32.71
C PHE C 178 11.26 17.73 32.55
N PRO C 179 10.64 17.36 31.42
CA PRO C 179 9.19 17.51 31.31
C PRO C 179 8.45 16.85 32.45
N ALA C 180 7.39 17.50 32.91
CA ALA C 180 6.62 16.92 34.00
C ALA C 180 5.89 15.66 33.52
N VAL C 181 5.61 14.76 34.46
CA VAL C 181 4.91 13.52 34.23
C VAL C 181 3.62 13.55 35.05
N LEU C 182 2.49 13.24 34.41
CA LEU C 182 1.20 13.20 35.10
C LEU C 182 1.10 11.88 35.89
N GLN C 183 0.95 11.97 37.21
CA GLN C 183 0.84 10.77 38.03
CA GLN C 183 0.84 10.78 38.05
C GLN C 183 -0.59 10.23 38.05
N SER C 184 -0.74 9.00 38.54
CA SER C 184 -2.07 8.42 38.64
C SER C 184 -2.98 9.22 39.56
N SER C 185 -2.41 9.98 40.51
CA SER C 185 -3.15 10.79 41.47
C SER C 185 -3.79 12.00 40.80
N GLY C 186 -3.40 12.28 39.57
CA GLY C 186 -3.84 13.52 38.96
C GLY C 186 -2.90 14.69 39.16
N LEU C 187 -1.87 14.55 40.01
CA LEU C 187 -0.84 15.57 40.18
C LEU C 187 0.37 15.32 39.28
N TYR C 188 1.21 16.35 39.13
CA TYR C 188 2.40 16.30 38.30
C TYR C 188 3.66 16.20 39.14
N SER C 189 4.73 15.68 38.54
CA SER C 189 6.03 15.61 39.20
CA SER C 189 6.03 15.60 39.20
C SER C 189 7.13 15.78 38.16
N LEU C 190 8.23 16.41 38.58
CA LEU C 190 9.39 16.46 37.70
C LEU C 190 10.66 16.55 38.54
N SER C 191 11.78 16.29 37.90
CA SER C 191 13.10 16.50 38.46
C SER C 191 13.87 17.53 37.64
N SER C 192 14.68 18.30 38.34
CA SER C 192 15.66 19.17 37.72
C SER C 192 17.03 18.71 38.21
N VAL C 193 17.94 18.42 37.29
CA VAL C 193 19.27 17.96 37.66
C VAL C 193 20.34 18.92 37.10
N VAL C 194 21.51 18.88 37.72
CA VAL C 194 22.65 19.63 37.16
C VAL C 194 23.92 18.84 37.46
N THR C 195 24.88 18.87 36.53
CA THR C 195 26.20 18.32 36.79
C THR C 195 27.17 19.45 37.10
N VAL C 196 28.00 19.25 38.13
CA VAL C 196 28.91 20.28 38.62
C VAL C 196 30.26 19.64 38.88
N PRO C 197 31.34 20.42 39.05
CA PRO C 197 32.61 19.81 39.48
C PRO C 197 32.52 19.19 40.87
N SER C 198 33.03 17.96 40.98
CA SER C 198 33.08 17.27 42.28
C SER C 198 33.88 18.05 43.32
N SER C 199 34.96 18.73 42.91
CA SER C 199 35.77 19.45 43.86
C SER C 199 35.03 20.60 44.52
N SER C 200 33.93 21.06 43.92
CA SER C 200 33.19 22.21 44.42
C SER C 200 32.14 21.86 45.46
N LEU C 201 31.90 20.56 45.73
CA LEU C 201 30.79 20.15 46.58
C LEU C 201 30.97 20.61 48.03
N GLY C 202 32.19 20.58 48.55
CA GLY C 202 32.39 21.01 49.92
C GLY C 202 32.17 22.50 50.13
N THR C 203 32.54 23.31 49.12
CA THR C 203 32.60 24.76 49.27
C THR C 203 31.38 25.46 48.69
N GLN C 204 31.06 25.20 47.41
CA GLN C 204 30.00 25.93 46.72
C GLN C 204 28.62 25.40 47.12
N THR C 205 27.66 26.30 47.30
CA THR C 205 26.30 25.94 47.67
C THR C 205 25.42 25.83 46.42
N TYR C 206 24.50 24.87 46.45
CA TYR C 206 23.56 24.65 45.36
C TYR C 206 22.15 24.69 45.94
N ILE C 207 21.34 25.63 45.45
CA ILE C 207 19.95 25.80 45.86
C ILE C 207 19.09 25.76 44.60
N CYS C 208 17.99 25.02 44.65
CA CYS C 208 17.04 25.05 43.56
C CYS C 208 15.86 25.92 43.96
N ASN C 209 15.47 26.83 43.06
CA ASN C 209 14.40 27.77 43.31
C ASN C 209 13.20 27.35 42.48
N VAL C 210 12.11 26.99 43.16
CA VAL C 210 10.93 26.40 42.55
C VAL C 210 9.75 27.30 42.83
N ASN C 211 9.10 27.78 41.77
CA ASN C 211 7.94 28.65 41.88
CA ASN C 211 7.93 28.64 41.88
C ASN C 211 6.73 27.99 41.23
N HIS C 212 5.59 28.05 41.91
CA HIS C 212 4.35 27.50 41.39
C HIS C 212 3.31 28.60 41.52
N LYS C 213 3.12 29.36 40.45
CA LYS C 213 2.23 30.52 40.51
C LYS C 213 0.78 30.18 40.84
N PRO C 214 0.19 29.09 40.35
CA PRO C 214 -1.22 28.83 40.72
C PRO C 214 -1.46 28.71 42.22
N SER C 215 -0.50 28.19 42.96
CA SER C 215 -0.62 28.06 44.41
C SER C 215 0.12 29.15 45.16
N ASN C 216 0.71 30.09 44.43
CA ASN C 216 1.51 31.17 45.02
C ASN C 216 2.56 30.60 45.97
N THR C 217 3.26 29.58 45.48
CA THR C 217 4.28 28.84 46.21
C THR C 217 5.65 29.21 45.67
N LYS C 218 6.55 29.58 46.57
CA LYS C 218 7.97 29.75 46.23
C LYS C 218 8.78 28.98 47.26
N VAL C 219 9.61 28.06 46.77
CA VAL C 219 10.41 27.18 47.62
C VAL C 219 11.86 27.26 47.18
N ASP C 220 12.77 27.47 48.12
CA ASP C 220 14.21 27.38 47.90
C ASP C 220 14.75 26.22 48.71
N LYS C 221 15.32 25.23 48.03
CA LYS C 221 15.83 24.03 48.68
C LYS C 221 17.33 23.91 48.47
N LYS C 222 18.11 23.98 49.54
CA LYS C 222 19.54 23.74 49.48
C LYS C 222 19.81 22.25 49.34
N VAL C 223 20.63 21.88 48.36
CA VAL C 223 20.99 20.49 48.12
C VAL C 223 22.42 20.29 48.60
N GLU C 224 22.59 19.45 49.62
CA GLU C 224 23.86 19.30 50.29
C GLU C 224 24.44 17.90 50.08
N PRO C 225 25.76 17.77 50.03
CA PRO C 225 26.36 16.43 49.99
C PRO C 225 26.06 15.69 51.27
N LYS C 226 26.13 14.38 51.20
CA LYS C 226 25.81 13.57 52.36
C LYS C 226 27.04 13.23 53.20
N ASP D 1 -14.03 10.39 6.29
CA ASP D 1 -12.77 10.56 7.00
C ASP D 1 -11.58 10.12 6.17
N ILE D 2 -10.71 11.07 5.84
CA ILE D 2 -9.47 10.79 5.13
C ILE D 2 -8.34 10.78 6.13
N GLN D 3 -7.57 9.70 6.17
CA GLN D 3 -6.45 9.56 7.07
CA GLN D 3 -6.44 9.55 7.07
C GLN D 3 -5.15 9.83 6.31
N MET D 4 -4.25 10.61 6.93
CA MET D 4 -2.94 10.98 6.38
C MET D 4 -1.87 10.28 7.21
N THR D 5 -0.91 9.65 6.56
CA THR D 5 0.16 8.96 7.26
C THR D 5 1.48 9.48 6.70
N GLN D 6 2.47 9.61 7.57
CA GLN D 6 3.74 10.18 7.17
C GLN D 6 4.88 9.21 7.45
N SER D 7 5.95 9.34 6.68
CA SER D 7 7.10 8.45 6.85
C SER D 7 8.37 9.24 6.57
N PRO D 8 9.45 9.02 7.34
CA PRO D 8 9.54 8.23 8.56
C PRO D 8 8.98 9.02 9.78
N SER D 9 8.79 8.37 10.93
CA SER D 9 8.37 9.12 12.12
C SER D 9 9.46 10.05 12.63
N THR D 10 10.71 9.61 12.55
CA THR D 10 11.86 10.41 12.95
C THR D 10 12.96 10.19 11.92
N LEU D 11 13.74 11.24 11.67
CA LEU D 11 14.87 11.20 10.77
C LEU D 11 16.05 11.93 11.41
N SER D 12 17.20 11.28 11.47
CA SER D 12 18.45 11.95 11.87
C SER D 12 19.19 12.40 10.62
N ALA D 13 19.53 13.68 10.56
CA ALA D 13 20.21 14.22 9.40
C ALA D 13 21.25 15.25 9.84
N SER D 14 22.14 15.64 8.92
CA SER D 14 23.19 16.62 9.17
C SER D 14 23.01 17.86 8.30
N VAL D 15 23.54 19.00 8.77
CA VAL D 15 23.54 20.21 7.94
C VAL D 15 24.15 19.90 6.57
N GLY D 16 23.44 20.30 5.52
CA GLY D 16 23.89 20.06 4.16
C GLY D 16 23.28 18.86 3.50
N ASP D 17 22.66 17.96 4.26
CA ASP D 17 21.99 16.79 3.72
C ASP D 17 20.76 17.17 2.90
N ARG D 18 20.55 16.43 1.81
CA ARG D 18 19.26 16.38 1.13
C ARG D 18 18.30 15.51 1.94
N VAL D 19 17.15 16.06 2.31
CA VAL D 19 16.20 15.38 3.18
C VAL D 19 14.87 15.23 2.44
N THR D 20 14.31 14.02 2.47
CA THR D 20 13.06 13.72 1.80
C THR D 20 12.12 13.04 2.79
N ILE D 21 10.96 13.62 3.01
CA ILE D 21 9.94 12.98 3.83
C ILE D 21 8.64 12.81 3.05
N THR D 22 7.88 11.76 3.36
CA THR D 22 6.71 11.46 2.54
C THR D 22 5.43 11.50 3.36
N CYS D 23 4.33 11.60 2.63
CA CYS D 23 2.98 11.71 3.17
C CYS D 23 2.07 10.89 2.26
N ARG D 24 1.11 10.19 2.84
CA ARG D 24 0.20 9.39 2.03
C ARG D 24 -1.23 9.61 2.49
N ALA D 25 -2.16 9.75 1.55
CA ALA D 25 -3.57 9.91 1.88
C ALA D 25 -4.33 8.62 1.63
N SER D 26 -5.32 8.33 2.50
CA SER D 26 -6.05 7.06 2.40
C SER D 26 -6.96 6.99 1.17
N GLN D 27 -7.24 8.13 0.53
CA GLN D 27 -7.95 8.18 -0.75
C GLN D 27 -7.48 9.44 -1.46
N SER D 28 -7.80 9.54 -2.74
CA SER D 28 -7.22 10.63 -3.50
C SER D 28 -7.66 11.97 -2.92
N ILE D 29 -6.73 12.92 -2.84
CA ILE D 29 -7.05 14.28 -2.44
C ILE D 29 -6.61 15.27 -3.52
N SER D 30 -6.35 14.79 -4.74
CA SER D 30 -5.89 15.67 -5.81
C SER D 30 -4.67 16.42 -5.31
N ARG D 31 -4.65 17.75 -5.38
CA ARG D 31 -3.50 18.50 -4.90
C ARG D 31 -3.84 19.30 -3.65
N TRP D 32 -4.87 18.88 -2.91
CA TRP D 32 -5.31 19.67 -1.77
C TRP D 32 -4.54 19.23 -0.53
N LEU D 33 -3.23 19.52 -0.56
CA LEU D 33 -2.30 19.04 0.46
C LEU D 33 -1.38 20.17 0.84
N ALA D 34 -1.19 20.38 2.13
CA ALA D 34 -0.30 21.42 2.62
C ALA D 34 0.76 20.80 3.52
N TRP D 35 1.91 21.48 3.65
CA TRP D 35 2.97 21.07 4.58
C TRP D 35 3.26 22.19 5.56
N PHE D 36 3.40 21.84 6.84
CA PHE D 36 3.68 22.78 7.92
C PHE D 36 4.95 22.37 8.64
N GLN D 37 5.67 23.37 9.14
CA GLN D 37 6.83 23.17 10.00
C GLN D 37 6.43 23.57 11.40
N LYS D 38 6.80 22.77 12.40
CA LYS D 38 6.46 23.13 13.77
C LYS D 38 7.62 22.80 14.69
N LYS D 39 8.03 23.76 15.50
CA LYS D 39 9.02 23.59 16.54
C LYS D 39 8.35 23.53 17.90
N PRO D 40 9.04 22.97 18.91
CA PRO D 40 8.41 22.84 20.23
C PRO D 40 7.99 24.19 20.79
N GLY D 41 6.72 24.27 21.19
CA GLY D 41 6.23 25.47 21.82
C GLY D 41 6.00 26.65 20.89
N LYS D 42 6.05 26.42 19.57
CA LYS D 42 5.87 27.47 18.59
C LYS D 42 4.70 27.12 17.69
N ALA D 43 4.11 28.15 17.09
CA ALA D 43 3.03 27.91 16.14
C ALA D 43 3.54 27.21 14.86
N PRO D 44 2.76 26.29 14.28
CA PRO D 44 3.10 25.76 12.95
C PRO D 44 3.16 26.89 11.93
N LYS D 45 3.96 26.67 10.89
CA LYS D 45 4.19 27.66 9.85
C LYS D 45 3.97 26.97 8.51
N LEU D 46 3.22 27.62 7.62
CA LEU D 46 2.89 26.98 6.35
C LEU D 46 4.07 27.11 5.38
N LEU D 47 4.49 25.99 4.79
CA LEU D 47 5.60 25.99 3.85
C LEU D 47 5.15 25.82 2.42
N ILE D 48 4.27 24.83 2.19
CA ILE D 48 3.85 24.42 0.83
C ILE D 48 2.34 24.36 0.83
N TYR D 49 1.71 24.85 -0.24
CA TYR D 49 0.26 24.75 -0.36
C TYR D 49 -0.06 24.25 -1.78
N THR D 50 -1.29 23.71 -1.99
CA THR D 50 -1.69 23.09 -3.26
C THR D 50 -0.66 22.04 -3.69
N ALA D 51 -0.13 21.35 -2.68
CA ALA D 51 0.79 20.21 -2.76
C ALA D 51 2.21 20.56 -3.22
N SER D 52 2.37 21.56 -4.09
CA SER D 52 3.69 21.79 -4.67
C SER D 52 4.04 23.26 -4.90
N ASN D 53 3.27 24.21 -4.34
CA ASN D 53 3.54 25.63 -4.55
C ASN D 53 4.18 26.17 -3.29
N LEU D 54 5.45 26.53 -3.38
CA LEU D 54 6.13 27.11 -2.24
C LEU D 54 5.48 28.45 -1.87
N GLU D 55 5.19 28.64 -0.59
CA GLU D 55 4.63 29.90 -0.10
C GLU D 55 5.63 31.03 -0.18
N SER D 56 5.12 32.24 -0.41
CA SER D 56 5.97 33.43 -0.41
C SER D 56 6.73 33.54 0.91
N GLY D 57 8.01 33.85 0.82
CA GLY D 57 8.81 34.07 2.00
C GLY D 57 9.50 32.85 2.53
N VAL D 58 9.14 31.67 2.05
CA VAL D 58 9.74 30.41 2.49
C VAL D 58 10.98 30.12 1.67
N PRO D 59 12.07 29.67 2.30
CA PRO D 59 13.35 29.52 1.56
C PRO D 59 13.23 28.52 0.43
N SER D 60 13.92 28.82 -0.68
CA SER D 60 13.79 28.01 -1.90
CA SER D 60 13.79 28.01 -1.90
C SER D 60 14.31 26.58 -1.74
N ARG D 61 15.06 26.29 -0.68
CA ARG D 61 15.52 24.91 -0.45
C ARG D 61 14.38 23.96 -0.12
N PHE D 62 13.20 24.46 0.25
CA PHE D 62 12.00 23.64 0.42
C PHE D 62 11.25 23.45 -0.89
N SER D 63 10.75 22.24 -1.13
CA SER D 63 9.90 21.99 -2.29
C SER D 63 8.97 20.83 -2.00
N GLY D 64 7.77 20.89 -2.56
CA GLY D 64 6.80 19.83 -2.42
C GLY D 64 6.46 19.24 -3.78
N SER D 65 6.10 17.95 -3.78
CA SER D 65 5.66 17.31 -5.02
C SER D 65 4.57 16.29 -4.71
N GLY D 66 3.77 16.00 -5.73
CA GLY D 66 2.81 14.91 -5.69
C GLY D 66 1.38 15.39 -5.95
N SER D 67 0.52 14.39 -6.13
CA SER D 67 -0.90 14.61 -6.42
CA SER D 67 -0.90 14.61 -6.38
C SER D 67 -1.62 13.27 -6.29
N GLY D 68 -2.83 13.28 -5.76
CA GLY D 68 -3.56 12.03 -5.66
C GLY D 68 -3.40 11.48 -4.25
N THR D 69 -2.59 10.44 -4.05
CA THR D 69 -2.38 9.92 -2.70
C THR D 69 -0.95 10.00 -2.19
N GLU D 70 0.05 10.27 -3.05
CA GLU D 70 1.45 10.21 -2.67
C GLU D 70 2.12 11.58 -2.74
N PHE D 71 2.76 12.01 -1.65
CA PHE D 71 3.30 13.35 -1.57
C PHE D 71 4.67 13.32 -0.90
N THR D 72 5.52 14.28 -1.28
CA THR D 72 6.89 14.37 -0.77
CA THR D 72 6.87 14.37 -0.74
C THR D 72 7.23 15.83 -0.49
N LEU D 73 7.93 16.06 0.63
CA LEU D 73 8.54 17.34 0.99
C LEU D 73 10.06 17.15 0.95
N THR D 74 10.75 18.01 0.21
CA THR D 74 12.19 17.88 0.05
C THR D 74 12.85 19.14 0.58
N ILE D 75 13.95 18.95 1.31
CA ILE D 75 14.85 20.03 1.70
C ILE D 75 16.17 19.77 0.98
N SER D 76 16.56 20.63 0.04
CA SER D 76 17.70 20.27 -0.81
C SER D 76 18.99 20.28 -0.01
N SER D 77 19.10 21.19 0.96
CA SER D 77 20.33 21.32 1.74
C SER D 77 19.90 21.76 3.14
N LEU D 78 19.90 20.81 4.07
CA LEU D 78 19.40 21.07 5.43
C LEU D 78 20.22 22.17 6.11
N GLN D 79 19.54 23.14 6.71
CA GLN D 79 20.12 24.21 7.51
C GLN D 79 19.82 23.99 9.00
N PRO D 80 20.55 24.66 9.90
CA PRO D 80 20.25 24.53 11.34
C PRO D 80 18.83 24.97 11.72
N ASP D 81 18.25 25.93 11.00
CA ASP D 81 16.90 26.34 11.33
C ASP D 81 15.86 25.28 11.00
N ASP D 82 16.24 24.22 10.26
CA ASP D 82 15.27 23.26 9.73
C ASP D 82 15.02 22.07 10.63
N PHE D 83 15.76 21.94 11.72
CA PHE D 83 15.50 20.88 12.68
C PHE D 83 14.20 21.19 13.41
N ALA D 84 13.18 20.39 13.14
CA ALA D 84 11.80 20.72 13.50
C ALA D 84 10.95 19.49 13.21
N THR D 85 9.65 19.60 13.51
CA THR D 85 8.69 18.58 13.07
C THR D 85 7.89 19.10 11.87
N TYR D 86 7.69 18.25 10.86
CA TYR D 86 6.94 18.61 9.66
C TYR D 86 5.64 17.83 9.63
N TYR D 87 4.53 18.53 9.40
CA TYR D 87 3.21 17.90 9.29
C TYR D 87 2.64 18.11 7.89
N CYS D 88 1.97 17.10 7.36
CA CYS D 88 1.14 17.34 6.18
C CYS D 88 -0.30 17.46 6.62
N GLN D 89 -1.10 18.12 5.78
CA GLN D 89 -2.53 18.29 6.04
C GLN D 89 -3.28 18.19 4.72
N GLN D 90 -4.33 17.39 4.66
CA GLN D 90 -5.23 17.45 3.49
C GLN D 90 -6.38 18.41 3.82
N TYR D 91 -6.86 19.09 2.81
CA TYR D 91 -8.00 20.00 2.95
C TYR D 91 -8.94 19.80 1.78
N TYR D 92 -9.04 18.56 1.35
CA TYR D 92 -10.09 18.15 0.42
C TYR D 92 -11.42 17.91 1.14
N ASN D 93 -11.41 17.16 2.24
CA ASN D 93 -12.65 16.81 2.94
C ASN D 93 -12.45 17.06 4.44
N TYR D 94 -12.97 18.17 4.95
CA TYR D 94 -12.61 18.68 6.27
C TYR D 94 -11.08 18.82 6.25
N TRP D 95 -10.43 18.61 7.38
CA TRP D 95 -9.02 18.90 7.54
C TRP D 95 -8.45 17.84 8.48
N THR D 96 -7.47 17.06 8.00
CA THR D 96 -6.84 16.05 8.85
C THR D 96 -5.34 16.10 8.62
N PHE D 97 -4.57 15.69 9.65
CA PHE D 97 -3.14 15.87 9.63
C PHE D 97 -2.45 14.53 9.72
N GLY D 98 -1.28 14.45 9.12
CA GLY D 98 -0.36 13.36 9.42
C GLY D 98 0.15 13.48 10.84
N GLN D 99 0.81 12.41 11.29
CA GLN D 99 1.31 12.38 12.66
CA GLN D 99 1.31 12.39 12.67
C GLN D 99 2.66 13.10 12.81
N GLY D 100 3.25 13.56 11.72
CA GLY D 100 4.46 14.37 11.72
C GLY D 100 5.73 13.54 11.62
N THR D 101 6.78 14.20 11.14
CA THR D 101 8.12 13.65 11.00
C THR D 101 9.04 14.61 11.71
N LYS D 102 9.72 14.15 12.76
CA LYS D 102 10.67 14.96 13.50
C LYS D 102 12.04 14.80 12.85
N VAL D 103 12.62 15.91 12.41
CA VAL D 103 13.98 15.93 11.86
C VAL D 103 14.95 16.34 12.97
N GLU D 104 15.81 15.39 13.38
CA GLU D 104 16.75 15.54 14.48
C GLU D 104 18.18 15.59 13.95
N VAL D 105 19.08 16.08 14.80
CA VAL D 105 20.49 16.26 14.48
C VAL D 105 21.23 14.93 14.70
N LYS D 106 21.86 14.44 13.63
CA LYS D 106 22.75 13.29 13.73
C LYS D 106 24.07 13.70 14.37
N ARG D 107 24.57 12.85 15.25
CA ARG D 107 25.86 13.02 15.90
C ARG D 107 26.41 11.64 16.19
N THR D 108 27.67 11.60 16.63
CA THR D 108 28.27 10.32 16.96
C THR D 108 27.63 9.74 18.21
N VAL D 109 27.69 8.41 18.34
CA VAL D 109 27.09 7.73 19.48
C VAL D 109 27.77 8.20 20.75
N ALA D 110 26.99 8.51 21.77
CA ALA D 110 27.52 8.86 23.09
C ALA D 110 26.79 8.05 24.17
N ALA D 111 27.55 7.30 24.97
CA ALA D 111 26.95 6.54 26.06
C ALA D 111 26.49 7.45 27.20
N PRO D 112 25.40 7.09 27.88
CA PRO D 112 24.94 7.92 29.01
C PRO D 112 25.84 7.74 30.22
N SER D 113 26.02 8.82 30.96
CA SER D 113 26.50 8.73 32.34
C SER D 113 25.28 8.48 33.20
N VAL D 114 25.34 7.47 34.09
CA VAL D 114 24.19 6.98 34.83
C VAL D 114 24.42 7.30 36.30
N PHE D 115 23.39 7.82 36.95
CA PHE D 115 23.44 8.21 38.37
C PHE D 115 22.14 7.71 39.02
N ILE D 116 22.24 7.25 40.27
CA ILE D 116 21.02 6.84 40.97
C ILE D 116 20.92 7.66 42.26
N PHE D 117 19.70 8.01 42.64
CA PHE D 117 19.47 8.82 43.84
C PHE D 117 18.44 8.15 44.74
N PRO D 118 18.80 7.81 45.98
CA PRO D 118 17.81 7.27 46.91
C PRO D 118 16.82 8.34 47.31
N PRO D 119 15.68 7.95 47.89
CA PRO D 119 14.77 8.92 48.50
C PRO D 119 15.47 9.69 49.61
N SER D 120 15.19 10.98 49.68
CA SER D 120 15.70 11.79 50.77
C SER D 120 14.99 11.44 52.08
N ASP D 121 15.68 11.71 53.20
CA ASP D 121 15.02 11.58 54.49
C ASP D 121 13.76 12.43 54.58
N GLU D 122 13.80 13.65 54.01
CA GLU D 122 12.64 14.54 54.06
C GLU D 122 11.42 13.90 53.37
N GLN D 123 11.63 13.29 52.20
CA GLN D 123 10.51 12.65 51.52
C GLN D 123 9.99 11.45 52.31
N LEU D 124 10.89 10.65 52.89
CA LEU D 124 10.41 9.50 53.66
C LEU D 124 9.56 9.94 54.84
N LYS D 125 9.99 10.98 55.55
CA LYS D 125 9.15 11.54 56.61
C LYS D 125 7.77 11.95 56.09
N SER D 126 7.67 12.34 54.81
CA SER D 126 6.35 12.76 54.33
C SER D 126 5.50 11.56 53.88
N GLY D 127 6.05 10.34 53.88
CA GLY D 127 5.29 9.12 53.66
C GLY D 127 5.42 8.45 52.30
N THR D 128 6.27 8.94 51.39
CA THR D 128 6.48 8.33 50.08
C THR D 128 7.96 8.19 49.84
N ALA D 129 8.31 7.45 48.79
CA ALA D 129 9.69 7.20 48.42
C ALA D 129 9.80 7.23 46.91
N SER D 130 10.65 8.09 46.40
CA SER D 130 10.93 8.15 44.96
C SER D 130 12.40 7.85 44.78
N VAL D 131 12.73 6.92 43.86
CA VAL D 131 14.11 6.57 43.54
C VAL D 131 14.33 7.05 42.12
N VAL D 132 15.35 7.88 41.91
CA VAL D 132 15.53 8.48 40.56
C VAL D 132 16.77 7.90 39.93
N CYS D 133 16.63 7.49 38.68
CA CYS D 133 17.77 7.11 37.86
C CYS D 133 17.94 8.12 36.72
N LEU D 134 19.14 8.69 36.60
CA LEU D 134 19.46 9.71 35.60
C LEU D 134 20.39 9.14 34.53
N LEU D 135 20.03 9.35 33.27
CA LEU D 135 20.90 8.99 32.14
C LEU D 135 21.24 10.33 31.50
N ASN D 136 22.49 10.75 31.58
CA ASN D 136 22.88 12.08 31.17
C ASN D 136 23.63 12.05 29.84
N ASN D 137 23.22 12.92 28.91
CA ASN D 137 23.95 13.29 27.68
C ASN D 137 24.30 12.08 26.80
N PHE D 138 23.28 11.46 26.21
CA PHE D 138 23.53 10.28 25.40
C PHE D 138 22.97 10.46 24.01
N TYR D 139 23.43 9.58 23.10
CA TYR D 139 22.93 9.59 21.73
C TYR D 139 23.17 8.22 21.13
N PRO D 140 22.20 7.63 20.39
CA PRO D 140 20.88 8.15 20.02
C PRO D 140 19.87 8.07 21.17
N ARG D 141 18.62 8.47 20.89
CA ARG D 141 17.63 8.60 21.95
C ARG D 141 17.20 7.24 22.53
N GLU D 142 17.24 6.17 21.75
CA GLU D 142 16.80 4.86 22.24
C GLU D 142 17.64 4.40 23.41
N ALA D 143 16.97 4.00 24.49
CA ALA D 143 17.63 3.48 25.68
C ALA D 143 16.63 2.64 26.45
N LYS D 144 17.15 1.63 27.13
CA LYS D 144 16.32 0.74 27.93
C LYS D 144 16.76 0.92 29.39
N VAL D 145 15.80 1.19 30.26
CA VAL D 145 16.11 1.44 31.67
C VAL D 145 15.20 0.53 32.48
N GLN D 146 15.79 -0.38 33.25
CA GLN D 146 15.01 -1.37 33.99
C GLN D 146 15.33 -1.24 35.47
N TRP D 147 14.28 -1.31 36.29
CA TRP D 147 14.42 -1.27 37.74
C TRP D 147 14.39 -2.68 38.29
N LYS D 148 15.30 -2.97 39.23
CA LYS D 148 15.25 -4.27 39.89
C LYS D 148 15.33 -3.97 41.37
N VAL D 149 14.47 -4.62 42.14
CA VAL D 149 14.39 -4.41 43.59
C VAL D 149 14.57 -5.78 44.18
N ASP D 150 15.63 -5.98 45.00
CA ASP D 150 16.04 -7.33 45.41
C ASP D 150 16.03 -8.30 44.24
N ASN D 151 16.56 -7.84 43.11
CA ASN D 151 16.73 -8.62 41.89
C ASN D 151 15.43 -8.96 41.20
N ALA D 152 14.31 -8.34 41.57
CA ALA D 152 13.05 -8.58 40.88
C ALA D 152 12.79 -7.41 39.95
N LEU D 153 12.55 -7.71 38.68
CA LEU D 153 12.25 -6.66 37.73
C LEU D 153 10.96 -5.95 38.14
N GLN D 154 10.96 -4.63 38.11
CA GLN D 154 9.83 -3.82 38.53
C GLN D 154 9.04 -3.33 37.33
N SER D 155 7.75 -3.60 37.32
CA SER D 155 6.93 -3.16 36.19
CA SER D 155 6.93 -3.17 36.19
C SER D 155 5.66 -2.52 36.73
N GLY D 156 5.33 -1.33 36.22
CA GLY D 156 4.10 -0.67 36.58
C GLY D 156 4.25 0.46 37.60
N ASN D 157 5.42 0.62 38.22
CA ASN D 157 5.64 1.57 39.31
C ASN D 157 6.75 2.55 38.97
N SER D 158 7.02 2.77 37.69
CA SER D 158 8.01 3.76 37.28
C SER D 158 7.55 4.54 36.05
N GLN D 159 8.08 5.76 35.93
CA GLN D 159 7.77 6.65 34.81
CA GLN D 159 7.79 6.60 34.78
C GLN D 159 9.05 7.32 34.33
N GLU D 160 9.12 7.56 33.01
CA GLU D 160 10.29 8.14 32.35
C GLU D 160 9.96 9.53 31.83
N SER D 161 10.99 10.36 31.76
CA SER D 161 10.87 11.64 31.08
C SER D 161 12.15 11.89 30.30
N VAL D 162 12.05 12.50 29.11
CA VAL D 162 13.23 12.71 28.28
C VAL D 162 13.26 14.18 27.86
N THR D 163 14.46 14.74 27.77
CA THR D 163 14.61 16.11 27.32
C THR D 163 14.54 16.16 25.80
N GLU D 164 14.35 17.36 25.28
CA GLU D 164 14.58 17.55 23.84
C GLU D 164 16.08 17.53 23.55
N GLN D 165 16.43 17.27 22.28
CA GLN D 165 17.83 17.32 21.89
C GLN D 165 18.47 18.64 22.36
N ASP D 166 19.64 18.53 23.00
CA ASP D 166 20.38 19.71 23.43
C ASP D 166 20.85 20.54 22.22
N SER D 167 20.64 21.86 22.27
CA SER D 167 20.97 22.67 21.10
C SER D 167 22.47 22.81 20.90
N LYS D 168 23.28 22.52 21.91
CA LYS D 168 24.72 22.69 21.79
C LYS D 168 25.40 21.40 21.37
N ASP D 169 25.16 20.31 22.11
CA ASP D 169 25.88 19.06 21.91
C ASP D 169 25.00 17.95 21.35
N SER D 170 23.73 18.26 21.08
CA SER D 170 22.81 17.38 20.35
C SER D 170 22.58 16.03 21.04
N THR D 171 22.73 15.98 22.38
CA THR D 171 22.47 14.76 23.13
C THR D 171 21.11 14.87 23.82
N TYR D 172 20.69 13.74 24.38
CA TYR D 172 19.48 13.63 25.17
C TYR D 172 19.85 13.33 26.61
N SER D 173 18.92 13.61 27.54
CA SER D 173 18.99 13.13 28.92
C SER D 173 17.62 12.59 29.32
N LEU D 174 17.62 11.66 30.29
CA LEU D 174 16.44 10.88 30.60
C LEU D 174 16.40 10.63 32.10
N SER D 175 15.24 10.78 32.70
CA SER D 175 15.06 10.38 34.09
C SER D 175 14.06 9.23 34.14
N SER D 176 14.28 8.27 35.05
CA SER D 176 13.32 7.21 35.31
C SER D 176 13.17 7.19 36.82
N THR D 177 11.92 7.27 37.30
CA THR D 177 11.62 7.45 38.71
C THR D 177 10.73 6.30 39.12
N LEU D 178 11.19 5.58 40.14
CA LEU D 178 10.45 4.50 40.77
C LEU D 178 9.78 5.10 41.99
N THR D 179 8.45 4.99 42.07
CA THR D 179 7.70 5.65 43.13
C THR D 179 6.97 4.60 43.95
N LEU D 180 7.17 4.63 45.26
CA LEU D 180 6.67 3.64 46.21
C LEU D 180 6.13 4.37 47.43
N SER D 181 5.25 3.70 48.17
CA SER D 181 4.92 4.21 49.48
C SER D 181 6.11 3.97 50.43
N LYS D 182 6.16 4.70 51.54
CA LYS D 182 7.25 4.50 52.49
C LYS D 182 7.26 3.05 52.96
N ALA D 183 6.08 2.46 53.17
CA ALA D 183 6.03 1.10 53.69
C ALA D 183 6.58 0.10 52.68
N ASP D 184 6.21 0.27 51.41
CA ASP D 184 6.75 -0.62 50.39
C ASP D 184 8.25 -0.45 50.22
N TYR D 185 8.72 0.79 50.24
CA TYR D 185 10.17 1.04 50.17
C TYR D 185 10.91 0.32 51.28
N GLU D 186 10.39 0.37 52.50
CA GLU D 186 11.06 -0.23 53.64
C GLU D 186 11.05 -1.76 53.61
N LYS D 187 10.28 -2.37 52.69
CA LYS D 187 10.24 -3.83 52.61
C LYS D 187 11.47 -4.44 51.94
N HIS D 188 12.23 -3.67 51.16
CA HIS D 188 13.27 -4.20 50.27
C HIS D 188 14.66 -3.69 50.65
N LYS D 189 15.70 -4.38 50.16
CA LYS D 189 17.09 -4.03 50.51
C LYS D 189 17.81 -3.33 49.36
N VAL D 190 17.88 -3.98 48.21
CA VAL D 190 18.72 -3.53 47.08
C VAL D 190 17.84 -2.89 46.01
N TYR D 191 18.15 -1.65 45.65
CA TYR D 191 17.47 -0.89 44.59
C TYR D 191 18.48 -0.68 43.47
N ALA D 192 18.13 -1.07 42.24
CA ALA D 192 19.13 -0.97 41.19
C ALA D 192 18.45 -0.50 39.92
N CYS D 193 19.14 0.31 39.15
CA CYS D 193 18.71 0.72 37.81
CA CYS D 193 18.65 0.61 37.81
C CYS D 193 19.71 0.15 36.82
N GLU D 194 19.24 -0.52 35.77
CA GLU D 194 20.12 -1.17 34.81
C GLU D 194 19.85 -0.54 33.45
N VAL D 195 20.90 -0.04 32.80
CA VAL D 195 20.76 0.79 31.61
C VAL D 195 21.40 0.09 30.43
N THR D 196 20.68 0.03 29.30
CA THR D 196 21.12 -0.60 28.07
C THR D 196 21.06 0.45 26.97
N HIS D 197 22.15 0.57 26.21
CA HIS D 197 22.28 1.62 25.19
C HIS D 197 23.33 1.20 24.19
N GLN D 198 23.17 1.69 22.94
CA GLN D 198 24.10 1.34 21.88
C GLN D 198 25.52 1.71 22.22
N GLY D 199 25.72 2.73 23.04
CA GLY D 199 27.07 3.13 23.38
C GLY D 199 27.70 2.29 24.49
N LEU D 200 26.96 1.34 25.06
CA LEU D 200 27.43 0.47 26.13
C LEU D 200 27.57 -0.96 25.61
N SER D 201 28.77 -1.53 25.72
CA SER D 201 28.97 -2.89 25.23
C SER D 201 28.18 -3.91 26.05
N SER D 202 27.94 -3.62 27.33
CA SER D 202 27.12 -4.44 28.22
C SER D 202 26.39 -3.51 29.16
N PRO D 203 25.24 -3.91 29.68
CA PRO D 203 24.44 -2.97 30.48
C PRO D 203 25.20 -2.46 31.69
N VAL D 204 24.91 -1.21 32.05
CA VAL D 204 25.48 -0.55 33.23
C VAL D 204 24.45 -0.56 34.34
N THR D 205 24.85 -0.96 35.54
CA THR D 205 23.93 -0.97 36.69
C THR D 205 24.42 0.00 37.76
N LYS D 206 23.51 0.79 38.30
CA LYS D 206 23.81 1.60 39.47
C LYS D 206 22.86 1.12 40.55
N SER D 207 23.37 0.97 41.77
CA SER D 207 22.51 0.44 42.80
C SER D 207 22.93 0.91 44.19
N PHE D 208 22.03 0.68 45.15
CA PHE D 208 22.38 0.94 46.56
C PHE D 208 21.54 0.03 47.43
N ASN D 209 21.99 -0.13 48.68
CA ASN D 209 21.20 -0.76 49.73
C ASN D 209 20.47 0.27 50.56
N ARG D 210 19.22 -0.04 50.92
CA ARG D 210 18.49 0.84 51.80
C ARG D 210 19.29 0.99 53.11
N GLY D 211 19.67 2.23 53.46
CA GLY D 211 20.46 2.55 54.64
C GLY D 211 21.88 2.96 54.34
N GLU D 212 22.39 2.72 53.13
CA GLU D 212 23.75 3.18 52.85
C GLU D 212 23.80 4.72 52.86
N CYS D 213 24.98 5.24 53.21
CA CYS D 213 25.22 6.67 53.11
C CYS D 213 25.87 7.04 51.78
N PRO E 2 -23.50 24.96 1.58
CA PRO E 2 -22.12 25.14 1.11
C PRO E 2 -21.15 24.06 1.64
N ASP E 3 -20.22 23.60 0.79
CA ASP E 3 -19.27 22.59 1.22
C ASP E 3 -18.38 23.15 2.33
N PRO E 4 -18.01 22.35 3.34
CA PRO E 4 -17.14 22.89 4.40
C PRO E 4 -15.82 23.39 3.89
N ASN E 5 -15.34 22.81 2.79
CA ASN E 5 -14.03 23.14 2.29
C ASN E 5 -14.06 24.22 1.21
N ALA E 6 -15.24 24.75 0.90
CA ALA E 6 -15.35 25.82 -0.08
C ALA E 6 -14.76 27.11 0.50
N ASN E 7 -14.64 28.14 -0.36
CA ASN E 7 -14.13 29.42 0.11
C ASN E 7 -14.91 29.94 1.32
N PRO E 8 -14.28 30.09 2.49
CA PRO E 8 -14.92 30.67 3.67
C PRO E 8 -14.63 32.15 3.87
N ASN E 9 -14.01 32.79 2.89
CA ASN E 9 -13.62 34.19 2.97
C ASN E 9 -14.59 35.05 2.13
N VAL E 10 -14.42 36.35 2.20
CA VAL E 10 -15.22 37.24 1.33
C VAL E 10 -14.88 36.98 -0.11
N ASP F 3 6.53 -5.48 6.02
CA ASP F 3 6.35 -6.78 5.33
C ASP F 3 5.17 -6.73 4.40
N PRO F 4 5.40 -6.84 3.08
CA PRO F 4 4.26 -6.87 2.15
C PRO F 4 3.30 -7.99 2.39
N ASN F 5 3.77 -9.13 2.92
CA ASN F 5 2.91 -10.29 3.04
C ASN F 5 2.21 -10.34 4.41
N ALA F 6 2.45 -9.35 5.27
CA ALA F 6 1.77 -9.32 6.57
C ALA F 6 0.28 -9.00 6.38
N ASN F 7 -0.50 -9.10 7.45
CA ASN F 7 -1.94 -8.89 7.32
C ASN F 7 -2.24 -7.53 6.70
N PRO F 8 -2.94 -7.48 5.58
CA PRO F 8 -3.35 -6.21 4.95
C PRO F 8 -4.79 -5.82 5.20
N ASN F 9 -5.48 -6.58 6.07
CA ASN F 9 -6.88 -6.37 6.39
C ASN F 9 -6.99 -5.61 7.73
N VAL F 10 -8.20 -5.19 8.11
CA VAL F 10 -8.39 -4.56 9.40
C VAL F 10 -7.80 -5.46 10.47
N ASP F 11 -7.18 -4.84 11.46
CA ASP F 11 -6.70 -5.60 12.60
C ASP F 11 -7.89 -5.99 13.45
N PRO F 12 -8.21 -7.29 13.59
CA PRO F 12 -9.35 -7.68 14.44
C PRO F 12 -9.18 -7.20 15.87
N ASN F 13 -7.98 -6.81 16.26
CA ASN F 13 -7.68 -6.39 17.63
C ASN F 13 -7.41 -4.89 17.72
N ALA F 14 -7.90 -4.11 16.75
CA ALA F 14 -7.69 -2.67 16.77
C ALA F 14 -8.37 -2.02 17.98
N ASN F 15 -7.85 -0.85 18.37
CA ASN F 15 -8.31 -0.07 19.55
C ASN F 15 -9.66 0.63 19.34
#